data_5WZ2
#
_entry.id   5WZ2
#
_cell.length_a   75.131
_cell.length_b   78.274
_cell.length_c   136.380
_cell.angle_alpha   90.00
_cell.angle_beta   90.10
_cell.angle_gamma   90.00
#
_symmetry.space_group_name_H-M   'C 1 2 1'
#
loop_
_entity.id
_entity.type
_entity.pdbx_description
1 polymer 'NS5 MTase'
2 non-polymer S-ADENOSYLMETHIONINE
3 non-polymer "P1-7-METHYLGUANOSINE-P3-ADENOSINE-5',5'-TRIPHOSPHATE"
4 water water
#
_entity_poly.entity_id   1
_entity_poly.type   'polypeptide(L)'
_entity_poly.pdbx_seq_one_letter_code
;HHHHHHGETLGEKWKARLNQMSALEFYSYKKSGITEVCREEARRALKDGVATGGHAVSRGSAKLRWLVERGYLQPYGKVI
DLGCGRGGWSYYAATIRKVQEVKGYTKGGPGHEEPVLVQSYGWNIVRLKSGVDVFHMAAEPCDTLLCDIGESSSSPEVEE
ARTLRVLSMVGDWLEKRPGAFCIKVLCPYTSTMMETLERLQRRYGGGLVRVPLSRNSTHEMYWVSGAKSNTIKSVSTTSQ
LLLGRMDGPRRPVKYEEDVNLGSGTRAVVSCAEAPN
;
_entity_poly.pdbx_strand_id   A,B,C
#
loop_
_chem_comp.id
_chem_comp.type
_chem_comp.name
_chem_comp.formula
GTA non-polymer P1-7-METHYLGUANOSINE-P3-ADENOSINE-5',5'-TRIPHOSPHATE 'C21 H30 N10 O17 P3 1'
SAM non-polymer S-ADENOSYLMETHIONINE 'C15 H22 N6 O5 S'
#
# COMPACT_ATOMS: atom_id res chain seq x y z
N GLU A 8 27.26 -13.53 10.56
CA GLU A 8 26.17 -13.64 11.52
C GLU A 8 26.50 -12.94 12.83
N THR A 9 25.60 -12.07 13.28
CA THR A 9 25.81 -11.31 14.50
C THR A 9 25.29 -12.04 15.74
N LEU A 10 25.63 -11.53 16.92
CA LEU A 10 25.23 -12.15 18.17
C LEU A 10 23.71 -12.22 18.32
N GLY A 11 23.02 -11.18 17.88
CA GLY A 11 21.57 -11.13 17.95
C GLY A 11 20.93 -12.17 17.05
N GLU A 12 21.53 -12.40 15.89
CA GLU A 12 21.03 -13.40 14.96
C GLU A 12 21.23 -14.81 15.51
N LYS A 13 22.39 -15.03 16.15
CA LYS A 13 22.65 -16.30 16.82
C LYS A 13 21.66 -16.49 17.97
N TRP A 14 21.30 -15.39 18.61
CA TRP A 14 20.30 -15.40 19.68
C TRP A 14 18.94 -15.82 19.13
N LYS A 15 18.56 -15.26 17.99
CA LYS A 15 17.28 -15.57 17.38
C LYS A 15 17.23 -17.03 16.98
N ALA A 16 18.32 -17.51 16.38
CA ALA A 16 18.44 -18.89 15.97
C ALA A 16 18.32 -19.84 17.16
N ARG A 17 19.07 -19.55 18.22
CA ARG A 17 19.00 -20.33 19.45
C ARG A 17 17.59 -20.34 20.01
N LEU A 18 16.94 -19.17 19.96
CA LEU A 18 15.59 -19.00 20.48
C LEU A 18 14.60 -19.89 19.75
N ASN A 19 14.62 -19.83 18.42
CA ASN A 19 13.72 -20.65 17.62
C ASN A 19 14.00 -22.15 17.76
N GLN A 20 15.25 -22.49 18.06
CA GLN A 20 15.65 -23.89 18.21
C GLN A 20 15.24 -24.51 19.55
N MET A 21 14.82 -23.66 20.49
CA MET A 21 14.46 -24.14 21.83
C MET A 21 13.18 -24.96 21.83
N SER A 22 13.09 -25.91 22.75
CA SER A 22 11.85 -26.63 22.99
C SER A 22 10.86 -25.70 23.69
N ALA A 23 9.58 -26.05 23.66
CA ALA A 23 8.54 -25.17 24.16
C ALA A 23 8.63 -24.93 25.68
N LEU A 24 9.03 -25.97 26.42
CA LEU A 24 9.23 -25.86 27.86
C LEU A 24 10.37 -24.88 28.17
N GLU A 25 11.49 -25.10 27.50
CA GLU A 25 12.67 -24.26 27.66
C GLU A 25 12.35 -22.81 27.33
N PHE A 26 11.53 -22.61 26.30
CA PHE A 26 11.11 -21.27 25.92
C PHE A 26 10.22 -20.65 26.99
N TYR A 27 9.32 -21.45 27.55
CA TYR A 27 8.44 -20.99 28.62
C TYR A 27 9.27 -20.49 29.79
N SER A 28 10.30 -21.23 30.15
CA SER A 28 11.17 -20.82 31.25
C SER A 28 11.96 -19.57 30.88
N TYR A 29 12.42 -19.51 29.63
CA TYR A 29 13.35 -18.47 29.20
C TYR A 29 12.73 -17.08 29.02
N LYS A 30 11.49 -17.02 28.56
CA LYS A 30 10.89 -15.76 28.13
C LYS A 30 10.87 -14.69 29.24
N LYS A 31 10.73 -15.11 30.49
CA LYS A 31 10.64 -14.16 31.59
C LYS A 31 11.78 -14.35 32.60
N SER A 32 12.81 -15.09 32.22
CA SER A 32 13.92 -15.38 33.12
C SER A 32 14.69 -14.12 33.50
N GLY A 33 14.56 -13.72 34.77
CA GLY A 33 15.33 -12.62 35.30
C GLY A 33 14.92 -11.23 34.86
N ILE A 34 13.79 -11.13 34.16
CA ILE A 34 13.32 -9.83 33.68
C ILE A 34 12.56 -9.09 34.77
N THR A 35 12.29 -7.81 34.53
CA THR A 35 11.49 -7.01 35.45
C THR A 35 10.03 -7.04 35.02
N GLU A 36 9.14 -7.37 35.94
CA GLU A 36 7.72 -7.44 35.62
C GLU A 36 6.89 -6.56 36.55
N VAL A 37 5.79 -6.05 36.02
CA VAL A 37 4.92 -5.17 36.77
C VAL A 37 3.63 -5.90 37.12
N CYS A 38 3.18 -5.77 38.36
CA CYS A 38 1.93 -6.38 38.80
C CYS A 38 0.76 -5.67 38.16
N ARG A 39 -0.09 -6.41 37.48
CA ARG A 39 -1.16 -5.81 36.68
C ARG A 39 -2.56 -6.31 37.02
N GLU A 40 -2.65 -7.37 37.82
CA GLU A 40 -3.92 -8.07 38.00
C GLU A 40 -5.03 -7.24 38.68
N GLU A 41 -4.66 -6.40 39.65
CA GLU A 41 -5.63 -5.50 40.26
C GLU A 41 -6.11 -4.49 39.22
N ALA A 42 -5.18 -4.07 38.36
CA ALA A 42 -5.52 -3.12 37.29
C ALA A 42 -6.51 -3.75 36.31
N ARG A 43 -6.36 -5.05 36.04
CA ARG A 43 -7.29 -5.74 35.14
C ARG A 43 -8.66 -5.94 35.80
N ARG A 44 -8.67 -6.29 37.09
CA ARG A 44 -9.94 -6.39 37.81
C ARG A 44 -10.68 -5.06 37.76
N ALA A 45 -9.98 -3.98 38.09
CA ALA A 45 -10.57 -2.65 38.11
C ALA A 45 -11.03 -2.20 36.72
N LEU A 46 -10.18 -2.40 35.72
CA LEU A 46 -10.48 -1.96 34.37
C LEU A 46 -11.66 -2.71 33.77
N LYS A 47 -11.78 -4.00 34.08
CA LYS A 47 -12.90 -4.77 33.55
C LYS A 47 -14.16 -4.56 34.39
N ASP A 48 -13.98 -4.08 35.62
CA ASP A 48 -15.13 -3.65 36.42
C ASP A 48 -15.57 -2.25 35.99
N GLY A 49 -14.80 -1.63 35.10
CA GLY A 49 -15.13 -0.32 34.59
C GLY A 49 -14.79 0.79 35.55
N VAL A 50 -13.65 0.65 36.23
CA VAL A 50 -13.19 1.68 37.16
C VAL A 50 -12.26 2.65 36.44
N ALA A 51 -12.78 3.83 36.13
CA ALA A 51 -12.03 4.84 35.39
C ALA A 51 -11.17 5.69 36.32
N THR A 52 -11.43 5.59 37.62
CA THR A 52 -10.61 6.24 38.62
C THR A 52 -9.65 5.22 39.23
N GLY A 53 -8.89 5.64 40.24
CA GLY A 53 -7.96 4.73 40.88
C GLY A 53 -6.58 4.75 40.26
N GLY A 54 -6.45 5.44 39.12
CA GLY A 54 -5.16 5.67 38.50
C GLY A 54 -4.50 4.43 37.92
N HIS A 55 -5.29 3.50 37.43
CA HIS A 55 -4.76 2.27 36.87
C HIS A 55 -4.27 2.47 35.44
N ALA A 56 -3.13 1.86 35.13
CA ALA A 56 -2.60 1.90 33.76
C ALA A 56 -3.40 0.96 32.86
N VAL A 57 -3.61 1.36 31.62
CA VAL A 57 -4.40 0.55 30.69
C VAL A 57 -3.59 -0.61 30.13
N SER A 58 -2.27 -0.50 30.19
CA SER A 58 -1.39 -1.56 29.68
C SER A 58 -0.04 -1.53 30.36
N ARG A 59 0.82 -2.48 30.01
CA ARG A 59 2.17 -2.57 30.57
C ARG A 59 3.06 -1.46 30.03
N GLY A 60 2.68 -0.88 28.90
CA GLY A 60 3.46 0.15 28.23
C GLY A 60 3.81 1.33 29.11
N SER A 61 2.86 1.74 29.95
CA SER A 61 3.07 2.86 30.86
C SER A 61 4.26 2.62 31.78
N ALA A 62 4.51 1.36 32.12
CA ALA A 62 5.64 1.01 32.96
C ALA A 62 6.95 1.15 32.19
N LYS A 63 6.91 0.81 30.91
CA LYS A 63 8.09 0.91 30.06
C LYS A 63 8.53 2.36 29.89
N LEU A 64 7.61 3.18 29.39
CA LEU A 64 7.86 4.59 29.17
C LEU A 64 8.38 5.25 30.43
N ARG A 65 7.72 4.96 31.55
CA ARG A 65 8.11 5.44 32.86
C ARG A 65 9.59 5.15 33.10
N TRP A 66 9.98 3.91 32.88
CA TRP A 66 11.37 3.48 33.09
C TRP A 66 12.33 4.35 32.29
N LEU A 67 11.92 4.73 31.08
CA LEU A 67 12.75 5.56 30.21
C LEU A 67 12.80 7.00 30.71
N VAL A 68 11.68 7.48 31.25
CA VAL A 68 11.60 8.88 31.65
C VAL A 68 12.34 9.12 32.96
N GLU A 69 12.11 8.25 33.94
CA GLU A 69 12.69 8.40 35.26
C GLU A 69 14.21 8.25 35.27
N ARG A 70 14.77 7.81 34.15
CA ARG A 70 16.22 7.72 34.01
C ARG A 70 16.72 8.72 32.98
N GLY A 71 15.84 9.63 32.57
CA GLY A 71 16.21 10.74 31.71
C GLY A 71 16.68 10.36 30.32
N TYR A 72 16.06 9.33 29.73
CA TYR A 72 16.38 8.95 28.37
C TYR A 72 15.53 9.75 27.37
N LEU A 73 14.49 10.38 27.90
CA LEU A 73 13.71 11.34 27.13
C LEU A 73 12.93 12.22 28.10
N GLN A 74 12.67 13.45 27.68
CA GLN A 74 11.94 14.39 28.53
C GLN A 74 10.78 14.98 27.75
N PRO A 75 9.63 14.27 27.76
CA PRO A 75 8.43 14.70 27.05
C PRO A 75 7.99 16.10 27.42
N TYR A 76 7.42 16.81 26.44
CA TYR A 76 6.97 18.18 26.66
C TYR A 76 6.10 18.63 25.50
N GLY A 77 5.33 19.69 25.72
CA GLY A 77 4.50 20.27 24.67
C GLY A 77 3.53 19.30 24.05
N LYS A 78 3.53 19.25 22.73
CA LYS A 78 2.62 18.39 21.99
C LYS A 78 3.22 17.02 21.71
N VAL A 79 2.53 15.98 22.16
CA VAL A 79 3.01 14.61 22.01
C VAL A 79 2.19 13.83 21.01
N ILE A 80 2.86 13.18 20.06
CA ILE A 80 2.20 12.29 19.12
C ILE A 80 2.55 10.84 19.47
N ASP A 81 1.52 10.01 19.64
CA ASP A 81 1.76 8.60 19.92
C ASP A 81 1.31 7.72 18.75
N LEU A 82 2.28 7.28 17.96
CA LEU A 82 2.01 6.41 16.82
C LEU A 82 1.89 4.97 17.27
N GLY A 83 0.77 4.33 16.96
CA GLY A 83 0.50 2.99 17.43
C GLY A 83 0.26 3.01 18.92
N CYS A 84 -0.67 3.85 19.35
CA CYS A 84 -0.93 4.08 20.76
C CYS A 84 -1.60 2.89 21.44
N GLY A 85 -2.30 2.08 20.66
CA GLY A 85 -2.99 0.91 21.17
C GLY A 85 -4.06 1.28 22.19
N ARG A 86 -3.98 0.68 23.38
CA ARG A 86 -4.89 1.01 24.46
C ARG A 86 -4.65 2.43 24.94
N GLY A 87 -3.38 2.85 24.91
CA GLY A 87 -3.02 4.22 25.27
C GLY A 87 -2.14 4.37 26.49
N GLY A 88 -1.38 3.31 26.83
CA GLY A 88 -0.51 3.35 27.99
C GLY A 88 0.49 4.49 27.95
N TRP A 89 1.21 4.60 26.85
CA TRP A 89 2.19 5.67 26.65
C TRP A 89 1.53 7.05 26.71
N SER A 90 0.36 7.16 26.10
CA SER A 90 -0.34 8.44 26.04
C SER A 90 -0.82 8.88 27.42
N TYR A 91 -1.46 7.96 28.14
CA TYR A 91 -1.96 8.27 29.47
C TYR A 91 -0.82 8.57 30.42
N TYR A 92 0.32 7.90 30.25
CA TYR A 92 1.47 8.22 31.08
C TYR A 92 2.02 9.61 30.74
N ALA A 93 2.12 9.90 29.45
CA ALA A 93 2.63 11.19 28.98
C ALA A 93 1.76 12.34 29.47
N ALA A 94 0.47 12.07 29.65
CA ALA A 94 -0.46 13.09 30.10
C ALA A 94 -0.17 13.57 31.53
N THR A 95 0.55 12.75 32.30
CA THR A 95 0.80 13.04 33.70
C THR A 95 2.04 13.91 33.91
N ILE A 96 2.78 14.16 32.83
CA ILE A 96 4.04 14.88 32.92
C ILE A 96 3.84 16.39 32.78
N ARG A 97 4.47 17.14 33.69
CA ARG A 97 4.35 18.60 33.79
C ARG A 97 4.39 19.34 32.45
N LYS A 98 5.51 19.25 31.75
CA LYS A 98 5.74 20.04 30.55
C LYS A 98 4.84 19.64 29.37
N VAL A 99 4.23 18.46 29.45
CA VAL A 99 3.35 17.99 28.40
C VAL A 99 2.01 18.73 28.43
N GLN A 100 1.63 19.30 27.29
CA GLN A 100 0.43 20.11 27.20
C GLN A 100 -0.71 19.37 26.48
N GLU A 101 -0.36 18.62 25.45
CA GLU A 101 -1.35 17.95 24.62
C GLU A 101 -0.85 16.59 24.16
N VAL A 102 -1.72 15.60 24.16
CA VAL A 102 -1.34 14.26 23.73
C VAL A 102 -2.30 13.70 22.70
N LYS A 103 -1.76 13.36 21.53
CA LYS A 103 -2.58 12.81 20.47
C LYS A 103 -2.04 11.45 20.01
N GLY A 104 -2.85 10.43 20.24
CA GLY A 104 -2.48 9.07 19.91
C GLY A 104 -3.20 8.59 18.67
N TYR A 105 -2.56 7.68 17.95
CA TYR A 105 -3.13 7.09 16.76
C TYR A 105 -2.87 5.59 16.74
N THR A 106 -3.89 4.81 16.42
CA THR A 106 -3.74 3.37 16.37
C THR A 106 -4.61 2.77 15.27
N LYS A 107 -4.30 1.54 14.88
CA LYS A 107 -4.97 0.88 13.76
C LYS A 107 -6.33 0.33 14.14
N GLY A 108 -6.41 -0.30 15.30
CA GLY A 108 -7.65 -0.91 15.75
C GLY A 108 -8.10 -2.02 14.82
N GLY A 109 -9.38 -2.36 14.88
CA GLY A 109 -9.93 -3.41 14.05
C GLY A 109 -9.48 -4.79 14.48
N PRO A 110 -9.89 -5.83 13.73
CA PRO A 110 -9.60 -7.24 14.02
C PRO A 110 -8.12 -7.53 14.22
N GLY A 111 -7.78 -8.11 15.37
CA GLY A 111 -6.41 -8.51 15.66
C GLY A 111 -5.61 -7.40 16.33
N HIS A 112 -6.21 -6.23 16.47
CA HIS A 112 -5.49 -5.08 17.03
C HIS A 112 -6.23 -4.44 18.21
N GLU A 113 -5.45 -3.79 19.08
CA GLU A 113 -5.97 -3.17 20.29
C GLU A 113 -6.77 -1.91 20.01
N GLU A 114 -7.86 -1.72 20.77
CA GLU A 114 -8.65 -0.50 20.69
C GLU A 114 -8.31 0.43 21.85
N PRO A 115 -8.44 1.75 21.63
CA PRO A 115 -8.18 2.73 22.70
C PRO A 115 -9.12 2.55 23.88
N VAL A 116 -8.58 2.64 25.09
CA VAL A 116 -9.36 2.53 26.32
C VAL A 116 -9.58 3.91 26.94
N LEU A 117 -10.84 4.24 27.22
CA LEU A 117 -11.15 5.52 27.86
C LEU A 117 -11.07 5.39 29.38
N VAL A 118 -10.19 6.20 29.98
CA VAL A 118 -9.93 6.16 31.41
C VAL A 118 -9.67 7.59 31.91
N GLN A 119 -10.02 7.87 33.16
CA GLN A 119 -9.84 9.21 33.70
C GLN A 119 -8.67 9.32 34.66
N SER A 120 -7.49 8.90 34.21
CA SER A 120 -6.27 9.13 34.96
C SER A 120 -5.89 10.60 34.85
N TYR A 121 -4.88 11.02 35.60
CA TYR A 121 -4.51 12.43 35.66
C TYR A 121 -4.15 13.01 34.30
N GLY A 122 -4.89 14.03 33.88
CA GLY A 122 -4.66 14.70 32.62
C GLY A 122 -5.33 14.01 31.44
N TRP A 123 -6.40 13.27 31.73
CA TRP A 123 -7.10 12.53 30.68
C TRP A 123 -7.76 13.47 29.66
N ASN A 124 -8.03 14.69 30.10
CA ASN A 124 -8.73 15.68 29.27
C ASN A 124 -7.87 16.25 28.15
N ILE A 125 -6.55 16.15 28.27
CA ILE A 125 -5.65 16.66 27.24
C ILE A 125 -5.24 15.55 26.27
N VAL A 126 -5.88 14.39 26.41
CA VAL A 126 -5.56 13.23 25.59
C VAL A 126 -6.65 12.97 24.57
N ARG A 127 -6.26 12.69 23.33
CA ARG A 127 -7.22 12.17 22.36
C ARG A 127 -6.62 11.02 21.57
N LEU A 128 -7.25 9.86 21.71
CA LEU A 128 -6.82 8.66 21.01
C LEU A 128 -7.69 8.41 19.78
N LYS A 129 -7.06 8.35 18.61
CA LYS A 129 -7.77 8.11 17.37
C LYS A 129 -7.54 6.68 16.87
N SER A 130 -8.63 5.96 16.65
CA SER A 130 -8.55 4.60 16.15
C SER A 130 -8.86 4.53 14.66
N GLY A 131 -8.61 3.38 14.06
CA GLY A 131 -8.86 3.18 12.64
C GLY A 131 -7.93 4.01 11.76
N VAL A 132 -6.68 4.15 12.18
CA VAL A 132 -5.72 4.95 11.44
C VAL A 132 -4.47 4.15 11.07
N ASP A 133 -4.14 4.14 9.79
CA ASP A 133 -2.87 3.57 9.34
C ASP A 133 -1.82 4.68 9.31
N VAL A 134 -0.84 4.59 10.20
CA VAL A 134 0.18 5.64 10.30
C VAL A 134 1.08 5.67 9.07
N PHE A 135 1.13 4.55 8.35
CA PHE A 135 1.94 4.48 7.13
C PHE A 135 1.24 5.25 6.01
N HIS A 136 -0.09 5.33 6.10
CA HIS A 136 -0.88 6.10 5.15
C HIS A 136 -1.32 7.43 5.76
N MET A 137 -0.40 8.08 6.46
CA MET A 137 -0.73 9.30 7.20
C MET A 137 0.36 10.35 7.07
N ALA A 138 -0.04 11.56 6.65
CA ALA A 138 0.89 12.67 6.52
C ALA A 138 1.42 13.11 7.88
N ALA A 139 2.72 13.31 7.96
CA ALA A 139 3.36 13.72 9.21
C ALA A 139 3.00 15.15 9.56
N GLU A 140 2.97 15.43 10.85
CA GLU A 140 2.59 16.73 11.36
C GLU A 140 3.52 17.13 12.50
N PRO A 141 3.73 18.44 12.70
CA PRO A 141 4.67 18.95 13.71
C PRO A 141 4.35 18.50 15.13
N CYS A 142 5.38 18.21 15.92
CA CYS A 142 5.20 17.82 17.31
C CYS A 142 6.47 18.05 18.12
N ASP A 143 6.29 18.25 19.42
CA ASP A 143 7.41 18.42 20.33
C ASP A 143 7.98 17.08 20.75
N THR A 144 7.09 16.13 21.02
CA THR A 144 7.49 14.80 21.42
C THR A 144 6.92 13.75 20.47
N LEU A 145 7.81 12.92 19.93
CA LEU A 145 7.43 11.87 18.99
C LEU A 145 7.59 10.49 19.61
N LEU A 146 6.46 9.82 19.85
CA LEU A 146 6.47 8.46 20.39
C LEU A 146 5.99 7.48 19.33
N CYS A 147 6.62 6.31 19.26
CA CYS A 147 6.20 5.27 18.33
C CYS A 147 6.53 3.89 18.90
N ASP A 148 5.53 3.01 18.94
CA ASP A 148 5.72 1.68 19.53
C ASP A 148 5.24 0.58 18.59
N ILE A 149 5.51 0.75 17.30
CA ILE A 149 5.10 -0.21 16.29
C ILE A 149 6.24 -1.16 15.92
N GLY A 150 5.91 -2.43 15.79
CA GLY A 150 6.90 -3.45 15.46
C GLY A 150 6.43 -4.82 15.90
N GLU A 151 5.69 -5.49 15.04
CA GLU A 151 5.13 -6.80 15.34
C GLU A 151 6.18 -7.91 15.20
N SER A 152 6.29 -8.75 16.21
CA SER A 152 7.26 -9.84 16.24
C SER A 152 7.04 -10.85 15.12
N SER A 153 8.09 -11.58 14.78
CA SER A 153 8.01 -12.64 13.80
C SER A 153 9.08 -13.69 14.09
N SER A 154 8.79 -14.94 13.77
CA SER A 154 9.77 -16.00 13.94
C SER A 154 10.95 -15.77 13.01
N SER A 155 10.66 -15.13 11.88
CA SER A 155 11.67 -14.82 10.87
C SER A 155 12.35 -13.49 11.18
N PRO A 156 13.69 -13.52 11.35
CA PRO A 156 14.47 -12.29 11.56
C PRO A 156 14.44 -11.38 10.34
N GLU A 157 14.24 -11.97 9.16
CA GLU A 157 14.16 -11.18 7.93
C GLU A 157 12.87 -10.35 7.90
N VAL A 158 11.78 -10.95 8.32
CA VAL A 158 10.50 -10.25 8.41
C VAL A 158 10.57 -9.15 9.46
N GLU A 159 11.13 -9.46 10.61
CA GLU A 159 11.32 -8.47 11.67
C GLU A 159 12.17 -7.30 11.18
N GLU A 160 13.23 -7.63 10.44
CA GLU A 160 14.11 -6.61 9.88
C GLU A 160 13.36 -5.71 8.91
N ALA A 161 12.60 -6.32 8.00
CA ALA A 161 11.82 -5.58 7.01
C ALA A 161 10.79 -4.65 7.66
N ARG A 162 10.10 -5.16 8.69
CA ARG A 162 9.11 -4.38 9.40
C ARG A 162 9.75 -3.20 10.12
N THR A 163 10.89 -3.46 10.77
CA THR A 163 11.61 -2.41 11.47
C THR A 163 12.07 -1.33 10.49
N LEU A 164 12.53 -1.77 9.32
CA LEU A 164 12.99 -0.86 8.28
C LEU A 164 11.85 0.02 7.79
N ARG A 165 10.67 -0.58 7.59
CA ARG A 165 9.52 0.19 7.15
C ARG A 165 9.11 1.18 8.23
N VAL A 166 9.25 0.78 9.49
CA VAL A 166 8.95 1.68 10.60
C VAL A 166 9.88 2.89 10.59
N LEU A 167 11.19 2.64 10.49
CA LEU A 167 12.17 3.72 10.46
C LEU A 167 11.94 4.67 9.27
N SER A 168 11.61 4.09 8.12
CA SER A 168 11.25 4.87 6.95
C SER A 168 10.08 5.78 7.27
N MET A 169 9.07 5.22 7.92
CA MET A 169 7.86 5.96 8.26
C MET A 169 8.13 7.10 9.25
N VAL A 170 8.98 6.86 10.24
CA VAL A 170 9.24 7.85 11.28
C VAL A 170 10.26 8.89 10.83
N GLY A 171 10.95 8.64 9.72
CA GLY A 171 11.84 9.63 9.15
C GLY A 171 11.13 10.96 8.89
N ASP A 172 9.95 10.86 8.27
CA ASP A 172 9.15 12.02 7.91
C ASP A 172 8.72 12.83 9.11
N TRP A 173 8.40 12.13 10.21
CA TRP A 173 7.99 12.79 11.45
C TRP A 173 9.20 13.43 12.13
N LEU A 174 10.34 12.76 12.02
CA LEU A 174 11.56 13.28 12.63
C LEU A 174 12.12 14.50 11.90
N GLU A 175 11.76 14.66 10.63
CA GLU A 175 12.28 15.80 9.86
C GLU A 175 11.56 17.10 10.20
N LYS A 176 10.44 16.98 10.92
CA LYS A 176 9.79 18.15 11.49
C LYS A 176 10.48 18.48 12.81
N ARG A 177 11.50 17.68 13.10
CA ARG A 177 12.49 17.94 14.14
C ARG A 177 11.96 18.23 15.53
N PRO A 178 11.46 17.19 16.22
CA PRO A 178 11.49 17.21 17.68
C PRO A 178 12.95 17.03 18.10
N GLY A 179 13.36 17.36 19.31
CA GLY A 179 12.48 17.69 20.42
C GLY A 179 12.79 16.64 21.47
N ALA A 180 11.87 15.71 21.64
CA ALA A 180 12.13 14.50 22.39
C ALA A 180 11.44 13.36 21.66
N PHE A 181 12.10 12.21 21.54
CA PHE A 181 11.46 11.09 20.88
C PHE A 181 11.79 9.75 21.52
N CYS A 182 10.90 8.79 21.30
CA CYS A 182 11.09 7.42 21.74
C CYS A 182 10.47 6.49 20.70
N ILE A 183 11.31 5.68 20.07
CA ILE A 183 10.86 4.86 18.95
C ILE A 183 11.28 3.39 19.10
N LYS A 184 10.30 2.50 19.00
CA LYS A 184 10.57 1.07 19.11
C LYS A 184 11.35 0.54 17.91
N VAL A 185 12.52 -0.03 18.19
CA VAL A 185 13.29 -0.78 17.21
C VAL A 185 13.21 -2.25 17.55
N LEU A 186 12.33 -2.97 16.87
CA LEU A 186 12.10 -4.38 17.13
C LEU A 186 13.33 -5.22 16.82
N CYS A 187 13.89 -5.02 15.64
CA CYS A 187 15.06 -5.77 15.20
C CYS A 187 16.25 -4.87 14.93
N PRO A 188 17.13 -4.70 15.93
CA PRO A 188 18.34 -3.89 15.75
C PRO A 188 19.61 -4.74 15.65
N TYR A 189 19.49 -6.04 15.42
CA TYR A 189 20.63 -6.93 15.55
C TYR A 189 21.18 -7.51 14.25
N THR A 190 20.79 -6.94 13.10
CA THR A 190 21.41 -7.34 11.85
C THR A 190 22.39 -6.27 11.39
N SER A 191 23.21 -6.60 10.40
CA SER A 191 24.24 -5.68 9.91
C SER A 191 23.63 -4.45 9.27
N THR A 192 22.72 -4.67 8.32
CA THR A 192 22.04 -3.58 7.64
C THR A 192 21.30 -2.70 8.64
N MET A 193 20.63 -3.32 9.60
CA MET A 193 19.90 -2.57 10.62
C MET A 193 20.81 -1.69 11.45
N MET A 194 21.91 -2.24 11.93
CA MET A 194 22.85 -1.46 12.75
C MET A 194 23.48 -0.34 11.93
N GLU A 195 23.72 -0.58 10.64
CA GLU A 195 24.31 0.47 9.81
C GLU A 195 23.29 1.60 9.57
N THR A 196 22.04 1.24 9.29
CA THR A 196 20.99 2.24 9.07
C THR A 196 20.74 3.02 10.35
N LEU A 197 20.92 2.36 11.50
CA LEU A 197 20.74 3.00 12.79
C LEU A 197 21.91 3.92 13.11
N GLU A 198 23.10 3.56 12.65
CA GLU A 198 24.25 4.47 12.76
C GLU A 198 23.97 5.73 11.97
N ARG A 199 23.47 5.54 10.75
CA ARG A 199 23.13 6.67 9.89
C ARG A 199 22.09 7.57 10.54
N LEU A 200 20.98 6.97 10.98
CA LEU A 200 19.89 7.70 11.62
C LEU A 200 20.34 8.39 12.91
N GLN A 201 21.30 7.78 13.60
CA GLN A 201 21.81 8.36 14.84
C GLN A 201 22.69 9.56 14.53
N ARG A 202 23.42 9.50 13.42
CA ARG A 202 24.23 10.64 13.02
C ARG A 202 23.36 11.78 12.52
N ARG A 203 22.22 11.44 11.92
CA ARG A 203 21.35 12.47 11.36
C ARG A 203 20.42 13.12 12.40
N TYR A 204 19.85 12.32 13.30
CA TYR A 204 18.85 12.83 14.23
C TYR A 204 19.27 12.74 15.70
N GLY A 205 20.44 12.15 15.96
CA GLY A 205 20.91 12.00 17.32
C GLY A 205 20.25 10.83 18.03
N GLY A 206 20.27 10.86 19.36
CA GLY A 206 19.65 9.82 20.16
C GLY A 206 20.49 8.56 20.24
N GLY A 207 19.96 7.54 20.91
CA GLY A 207 20.66 6.29 21.08
C GLY A 207 19.74 5.14 21.42
N LEU A 208 20.27 3.92 21.37
CA LEU A 208 19.47 2.73 21.67
C LEU A 208 19.57 2.36 23.14
N VAL A 209 18.45 1.94 23.71
CA VAL A 209 18.39 1.55 25.12
C VAL A 209 17.53 0.30 25.30
N ARG A 210 18.05 -0.69 26.03
CA ARG A 210 17.27 -1.87 26.37
C ARG A 210 16.51 -1.64 27.68
N VAL A 211 15.20 -1.90 27.65
CA VAL A 211 14.36 -1.79 28.84
C VAL A 211 14.20 -3.16 29.49
N PRO A 212 14.55 -3.29 30.78
CA PRO A 212 14.53 -4.58 31.47
C PRO A 212 13.11 -5.15 31.62
N LEU A 213 12.09 -4.34 31.37
CA LEU A 213 10.71 -4.81 31.40
C LEU A 213 10.39 -5.66 30.18
N SER A 214 11.19 -5.49 29.13
CA SER A 214 11.06 -6.30 27.93
C SER A 214 11.36 -7.77 28.24
N ARG A 215 10.68 -8.67 27.55
CA ARG A 215 10.91 -10.10 27.72
C ARG A 215 12.14 -10.53 26.94
N ASN A 216 12.73 -11.65 27.33
CA ASN A 216 13.93 -12.15 26.67
C ASN A 216 13.63 -12.72 25.28
N SER A 217 12.35 -12.95 25.00
CA SER A 217 11.94 -13.52 23.73
C SER A 217 11.91 -12.46 22.62
N THR A 218 12.18 -11.22 22.98
CA THR A 218 12.27 -10.14 21.99
C THR A 218 13.55 -9.34 22.16
N HIS A 219 14.16 -8.96 21.04
CA HIS A 219 15.42 -8.21 21.08
C HIS A 219 15.16 -6.72 20.92
N GLU A 220 13.94 -6.29 21.25
CA GLU A 220 13.52 -4.91 21.06
C GLU A 220 14.36 -3.93 21.88
N MET A 221 14.76 -2.85 21.24
CA MET A 221 15.44 -1.76 21.93
C MET A 221 14.72 -0.46 21.59
N TYR A 222 14.93 0.58 22.37
CA TYR A 222 14.23 1.83 22.12
C TYR A 222 15.20 2.96 21.79
N TRP A 223 14.96 3.57 20.64
CA TRP A 223 15.72 4.71 20.15
C TRP A 223 15.17 5.98 20.79
N VAL A 224 15.90 6.53 21.75
CA VAL A 224 15.43 7.70 22.48
C VAL A 224 16.43 8.86 22.38
N SER A 225 15.89 10.08 22.42
CA SER A 225 16.67 11.30 22.18
C SER A 225 17.67 11.63 23.28
N GLY A 226 17.33 11.28 24.52
CA GLY A 226 18.17 11.63 25.66
C GLY A 226 19.29 10.64 25.88
N ALA A 227 19.36 9.60 25.06
CA ALA A 227 20.47 8.67 25.11
C ALA A 227 21.48 8.99 24.02
N LYS A 228 22.73 8.63 24.25
CA LYS A 228 23.75 8.74 23.23
C LYS A 228 24.83 7.69 23.47
N SER A 229 24.94 6.76 22.52
CA SER A 229 25.84 5.63 22.69
C SER A 229 26.15 5.00 21.34
N ASN A 230 27.27 4.27 21.28
CA ASN A 230 27.58 3.51 20.09
C ASN A 230 26.52 2.42 19.89
N THR A 231 25.82 2.49 18.77
CA THR A 231 24.73 1.56 18.48
C THR A 231 25.19 0.10 18.53
N ILE A 232 26.31 -0.18 17.86
CA ILE A 232 26.86 -1.53 17.78
C ILE A 232 27.12 -2.12 19.18
N LYS A 233 27.74 -1.32 20.03
CA LYS A 233 28.12 -1.77 21.37
C LYS A 233 26.92 -2.04 22.27
N SER A 234 25.94 -1.15 22.25
CA SER A 234 24.74 -1.33 23.07
C SER A 234 23.90 -2.51 22.58
N VAL A 235 23.77 -2.64 21.26
CA VAL A 235 23.05 -3.76 20.66
C VAL A 235 23.72 -5.08 21.05
N SER A 236 25.05 -5.12 20.92
CA SER A 236 25.80 -6.34 21.24
C SER A 236 25.77 -6.64 22.74
N THR A 237 25.65 -5.60 23.56
CA THR A 237 25.54 -5.78 25.00
C THR A 237 24.22 -6.45 25.33
N THR A 238 23.15 -5.91 24.74
CA THR A 238 21.82 -6.50 24.88
C THR A 238 21.83 -7.97 24.44
N SER A 239 22.43 -8.21 23.27
CA SER A 239 22.54 -9.56 22.74
C SER A 239 23.29 -10.47 23.70
N GLN A 240 24.32 -9.93 24.35
CA GLN A 240 25.09 -10.69 25.32
C GLN A 240 24.24 -11.07 26.52
N LEU A 241 23.41 -10.14 26.98
CA LEU A 241 22.49 -10.40 28.09
C LEU A 241 21.53 -11.54 27.73
N LEU A 242 20.87 -11.39 26.58
CA LEU A 242 19.90 -12.37 26.14
C LEU A 242 20.51 -13.76 25.88
N LEU A 243 21.72 -13.77 25.33
CA LEU A 243 22.44 -15.02 25.11
C LEU A 243 22.82 -15.68 26.43
N GLY A 244 23.30 -14.87 27.37
CA GLY A 244 23.71 -15.35 28.66
C GLY A 244 22.56 -15.95 29.44
N ARG A 245 21.36 -15.41 29.25
CA ARG A 245 20.20 -15.92 29.97
C ARG A 245 19.65 -17.24 29.41
N MET A 246 20.38 -17.86 28.49
CA MET A 246 19.93 -19.12 27.90
C MET A 246 20.72 -20.32 28.44
N ASP A 247 21.68 -20.07 29.31
CA ASP A 247 22.61 -21.12 29.72
C ASP A 247 22.37 -21.65 31.14
N GLY A 248 22.33 -20.75 32.11
CA GLY A 248 22.18 -21.16 33.50
C GLY A 248 20.78 -21.66 33.84
N PRO A 249 20.42 -21.61 35.14
CA PRO A 249 19.08 -21.95 35.57
C PRO A 249 18.12 -20.79 35.31
N ARG A 250 16.84 -20.97 35.58
CA ARG A 250 15.91 -19.87 35.45
C ARG A 250 16.09 -18.89 36.60
N ARG A 251 16.39 -17.65 36.26
CA ARG A 251 16.52 -16.60 37.24
C ARG A 251 15.14 -16.04 37.59
N PRO A 252 14.89 -15.79 38.88
CA PRO A 252 13.58 -15.33 39.36
C PRO A 252 13.16 -13.99 38.75
N VAL A 253 11.85 -13.79 38.62
CA VAL A 253 11.31 -12.55 38.07
C VAL A 253 11.29 -11.45 39.13
N LYS A 254 11.83 -10.29 38.78
CA LYS A 254 11.83 -9.14 39.67
C LYS A 254 10.54 -8.34 39.54
N TYR A 255 9.55 -8.66 40.39
CA TYR A 255 8.26 -8.00 40.32
C TYR A 255 8.31 -6.59 40.89
N GLU A 256 7.51 -5.71 40.30
CA GLU A 256 7.45 -4.31 40.75
C GLU A 256 6.01 -3.82 40.86
N GLU A 257 5.85 -2.69 41.53
CA GLU A 257 4.55 -2.04 41.63
C GLU A 257 4.23 -1.34 40.32
N ASP A 258 3.03 -1.57 39.79
CA ASP A 258 2.61 -0.89 38.57
C ASP A 258 2.48 0.60 38.81
N VAL A 259 2.75 1.39 37.78
CA VAL A 259 2.67 2.85 37.89
C VAL A 259 1.23 3.28 38.14
N ASN A 260 1.04 4.19 39.09
CA ASN A 260 -0.27 4.78 39.32
C ASN A 260 -0.33 6.17 38.69
N LEU A 261 -1.31 6.37 37.82
CA LEU A 261 -1.41 7.62 37.07
C LEU A 261 -2.38 8.61 37.71
N GLY A 262 -2.86 8.28 38.91
CA GLY A 262 -3.75 9.17 39.64
C GLY A 262 -5.05 9.48 38.92
N SER A 263 -5.67 10.60 39.27
CA SER A 263 -6.93 10.99 38.65
C SER A 263 -7.00 12.50 38.48
N GLY A 264 -8.11 12.97 37.92
CA GLY A 264 -8.33 14.40 37.80
C GLY A 264 -8.00 14.95 36.42
N THR A 265 -8.32 16.22 36.21
CA THR A 265 -8.06 16.89 34.95
C THR A 265 -6.97 17.93 35.07
N ARG A 266 -6.56 18.49 33.95
CA ARG A 266 -5.54 19.53 33.93
C ARG A 266 -6.06 20.80 33.25
N GLU B 8 -2.23 3.49 -0.21
CA GLU B 8 -1.86 2.21 -0.79
C GLU B 8 -1.83 2.29 -2.32
N THR B 9 -0.68 1.99 -2.89
CA THR B 9 -0.49 2.07 -4.34
C THR B 9 -1.21 0.94 -5.06
N LEU B 10 -1.23 1.01 -6.39
CA LEU B 10 -1.89 0.00 -7.20
C LEU B 10 -1.17 -1.35 -7.11
N GLY B 11 0.16 -1.29 -7.03
CA GLY B 11 0.98 -2.49 -6.97
C GLY B 11 0.77 -3.27 -5.69
N GLU B 12 0.55 -2.54 -4.60
CA GLU B 12 0.29 -3.16 -3.30
C GLU B 12 -1.08 -3.82 -3.28
N LYS B 13 -2.06 -3.17 -3.90
CA LYS B 13 -3.38 -3.76 -4.09
C LYS B 13 -3.26 -5.03 -4.92
N TRP B 14 -2.39 -4.98 -5.93
CA TRP B 14 -2.13 -6.16 -6.75
C TRP B 14 -1.52 -7.30 -5.93
N LYS B 15 -0.60 -6.95 -5.02
CA LYS B 15 0.06 -7.96 -4.20
C LYS B 15 -0.93 -8.62 -3.25
N ALA B 16 -1.75 -7.79 -2.61
CA ALA B 16 -2.80 -8.29 -1.73
C ALA B 16 -3.73 -9.24 -2.49
N ARG B 17 -4.32 -8.72 -3.57
CA ARG B 17 -5.18 -9.52 -4.45
C ARG B 17 -4.53 -10.86 -4.81
N LEU B 18 -3.27 -10.79 -5.23
CA LEU B 18 -2.50 -11.97 -5.61
C LEU B 18 -2.45 -12.99 -4.47
N ASN B 19 -2.14 -12.51 -3.27
CA ASN B 19 -2.01 -13.39 -2.12
C ASN B 19 -3.34 -14.02 -1.69
N GLN B 20 -4.45 -13.32 -1.93
CA GLN B 20 -5.75 -13.89 -1.54
C GLN B 20 -6.33 -14.84 -2.60
N MET B 21 -5.72 -14.89 -3.77
CA MET B 21 -6.19 -15.77 -4.85
C MET B 21 -6.04 -17.25 -4.49
N SER B 22 -6.98 -18.07 -4.95
CA SER B 22 -6.92 -19.50 -4.72
C SER B 22 -5.83 -20.12 -5.59
N ALA B 23 -5.42 -21.34 -5.23
CA ALA B 23 -4.31 -22.02 -5.90
C ALA B 23 -4.57 -22.23 -7.40
N LEU B 24 -5.78 -22.64 -7.74
CA LEU B 24 -6.16 -22.82 -9.14
C LEU B 24 -6.11 -21.51 -9.91
N GLU B 25 -6.79 -20.51 -9.39
CA GLU B 25 -6.85 -19.19 -10.01
C GLU B 25 -5.45 -18.61 -10.17
N PHE B 26 -4.58 -18.87 -9.20
CA PHE B 26 -3.20 -18.41 -9.28
C PHE B 26 -2.44 -19.14 -10.38
N TYR B 27 -2.64 -20.46 -10.45
CA TYR B 27 -1.99 -21.27 -11.47
C TYR B 27 -2.34 -20.77 -12.87
N SER B 28 -3.61 -20.44 -13.08
CA SER B 28 -4.00 -19.90 -14.38
C SER B 28 -3.44 -18.50 -14.58
N TYR B 29 -3.47 -17.69 -13.52
CA TYR B 29 -3.11 -16.29 -13.62
C TYR B 29 -1.65 -16.03 -13.91
N LYS B 30 -0.76 -16.86 -13.36
CA LYS B 30 0.67 -16.60 -13.44
C LYS B 30 1.19 -16.42 -14.87
N LYS B 31 0.62 -17.17 -15.82
CA LYS B 31 1.08 -17.13 -17.21
C LYS B 31 0.04 -16.60 -18.18
N SER B 32 -1.00 -15.94 -17.66
CA SER B 32 -2.09 -15.48 -18.51
C SER B 32 -1.65 -14.30 -19.40
N GLY B 33 -1.62 -14.54 -20.70
CA GLY B 33 -1.34 -13.48 -21.67
C GLY B 33 0.11 -13.03 -21.73
N ILE B 34 0.99 -13.72 -21.02
CA ILE B 34 2.40 -13.37 -21.03
C ILE B 34 3.10 -13.99 -22.23
N THR B 35 4.35 -13.58 -22.45
CA THR B 35 5.15 -14.17 -23.51
C THR B 35 6.05 -15.25 -22.91
N GLU B 36 6.08 -16.42 -23.53
CA GLU B 36 6.91 -17.51 -23.03
C GLU B 36 7.77 -18.10 -24.14
N VAL B 37 8.96 -18.57 -23.76
CA VAL B 37 9.90 -19.15 -24.69
C VAL B 37 9.89 -20.68 -24.56
N CYS B 38 9.94 -21.37 -25.69
CA CYS B 38 9.99 -22.83 -25.69
C CYS B 38 11.35 -23.30 -25.21
N ARG B 39 11.35 -24.19 -24.23
CA ARG B 39 12.59 -24.61 -23.59
C ARG B 39 12.83 -26.12 -23.63
N GLU B 40 11.76 -26.90 -23.85
CA GLU B 40 11.81 -28.37 -23.89
C GLU B 40 13.08 -28.94 -24.53
N GLU B 41 13.25 -28.62 -25.81
CA GLU B 41 14.40 -29.05 -26.60
C GLU B 41 15.70 -28.68 -25.89
N ALA B 42 15.76 -27.44 -25.38
CA ALA B 42 16.93 -26.96 -24.67
C ALA B 42 17.19 -27.78 -23.41
N ARG B 43 16.13 -28.15 -22.69
CA ARG B 43 16.32 -28.90 -21.45
C ARG B 43 16.81 -30.32 -21.68
N ARG B 44 16.24 -31.04 -22.65
CA ARG B 44 16.73 -32.40 -22.83
C ARG B 44 18.12 -32.34 -23.47
N ALA B 45 18.34 -31.38 -24.37
CA ALA B 45 19.66 -31.21 -24.97
C ALA B 45 20.72 -30.96 -23.91
N LEU B 46 20.39 -30.13 -22.93
CA LEU B 46 21.30 -29.82 -21.84
C LEU B 46 21.48 -31.00 -20.90
N LYS B 47 20.39 -31.71 -20.62
CA LYS B 47 20.43 -32.87 -19.75
C LYS B 47 21.20 -34.00 -20.40
N ASP B 48 21.19 -34.01 -21.74
CA ASP B 48 21.94 -34.99 -22.50
C ASP B 48 23.40 -34.59 -22.70
N GLY B 49 23.77 -33.44 -22.17
CA GLY B 49 25.15 -32.99 -22.20
C GLY B 49 25.61 -32.43 -23.52
N VAL B 50 24.68 -31.89 -24.30
CA VAL B 50 25.03 -31.27 -25.58
C VAL B 50 25.46 -29.83 -25.37
N ALA B 51 26.78 -29.60 -25.34
CA ALA B 51 27.32 -28.27 -25.10
C ALA B 51 27.33 -27.45 -26.38
N THR B 52 27.08 -28.11 -27.50
CA THR B 52 26.93 -27.44 -28.78
C THR B 52 25.45 -27.27 -29.09
N GLY B 53 25.13 -26.77 -30.27
CA GLY B 53 23.74 -26.57 -30.65
C GLY B 53 23.21 -25.21 -30.25
N GLY B 54 24.00 -24.48 -29.48
CA GLY B 54 23.68 -23.12 -29.11
C GLY B 54 22.43 -22.94 -28.27
N HIS B 55 22.14 -23.92 -27.42
CA HIS B 55 20.98 -23.84 -26.54
C HIS B 55 21.25 -22.92 -25.35
N ALA B 56 20.27 -22.07 -25.03
CA ALA B 56 20.37 -21.22 -23.85
C ALA B 56 20.25 -22.06 -22.58
N VAL B 57 21.05 -21.71 -21.57
CA VAL B 57 21.08 -22.50 -20.34
C VAL B 57 19.88 -22.20 -19.45
N SER B 58 19.18 -21.10 -19.71
CA SER B 58 17.99 -20.76 -18.95
C SER B 58 17.08 -19.80 -19.71
N ARG B 59 15.98 -19.42 -19.08
CA ARG B 59 15.02 -18.47 -19.65
C ARG B 59 15.65 -17.09 -19.79
N GLY B 60 16.59 -16.78 -18.90
CA GLY B 60 17.19 -15.46 -18.81
C GLY B 60 17.73 -14.89 -20.11
N SER B 61 18.34 -15.74 -20.93
CA SER B 61 18.91 -15.30 -22.21
C SER B 61 17.85 -14.65 -23.09
N ALA B 62 16.62 -15.16 -23.02
CA ALA B 62 15.53 -14.61 -23.81
C ALA B 62 15.12 -13.23 -23.29
N LYS B 63 15.25 -13.02 -21.99
CA LYS B 63 14.90 -11.74 -21.38
C LYS B 63 15.86 -10.65 -21.83
N LEU B 64 17.15 -10.89 -21.57
CA LEU B 64 18.20 -9.93 -21.94
C LEU B 64 18.12 -9.62 -23.43
N ARG B 65 17.92 -10.66 -24.23
CA ARG B 65 17.73 -10.51 -25.68
C ARG B 65 16.63 -9.50 -25.96
N TRP B 66 15.49 -9.70 -25.33
CA TRP B 66 14.34 -8.80 -25.50
C TRP B 66 14.71 -7.36 -25.18
N LEU B 67 15.62 -7.17 -24.23
CA LEU B 67 16.02 -5.84 -23.82
C LEU B 67 17.04 -5.23 -24.77
N VAL B 68 17.84 -6.08 -25.42
CA VAL B 68 18.92 -5.59 -26.26
C VAL B 68 18.44 -5.30 -27.68
N GLU B 69 17.55 -6.14 -28.20
CA GLU B 69 17.04 -5.96 -29.56
C GLU B 69 16.11 -4.75 -29.69
N ARG B 70 15.66 -4.23 -28.55
CA ARG B 70 14.85 -3.02 -28.53
C ARG B 70 15.68 -1.84 -28.00
N GLY B 71 16.99 -2.07 -27.89
CA GLY B 71 17.92 -1.01 -27.56
C GLY B 71 17.75 -0.37 -26.20
N TYR B 72 17.31 -1.16 -25.22
CA TYR B 72 17.19 -0.65 -23.86
C TYR B 72 18.55 -0.64 -23.16
N LEU B 73 19.51 -1.34 -23.77
CA LEU B 73 20.90 -1.28 -23.35
C LEU B 73 21.79 -1.88 -24.44
N GLN B 74 23.02 -1.39 -24.54
CA GLN B 74 23.93 -1.85 -25.57
C GLN B 74 25.24 -2.35 -24.96
N PRO B 75 25.26 -3.63 -24.57
CA PRO B 75 26.40 -4.27 -23.90
C PRO B 75 27.70 -4.11 -24.67
N TYR B 76 28.80 -3.86 -23.96
CA TYR B 76 30.10 -3.66 -24.58
C TYR B 76 31.23 -3.80 -23.57
N GLY B 77 32.43 -4.09 -24.06
CA GLY B 77 33.62 -4.14 -23.23
C GLY B 77 33.60 -5.21 -22.16
N LYS B 78 33.88 -4.80 -20.91
CA LYS B 78 33.89 -5.72 -19.79
C LYS B 78 32.51 -5.80 -19.14
N VAL B 79 31.97 -7.01 -19.06
CA VAL B 79 30.63 -7.21 -18.51
C VAL B 79 30.68 -7.98 -17.20
N ILE B 80 30.04 -7.42 -16.17
CA ILE B 80 29.91 -8.10 -14.89
C ILE B 80 28.48 -8.58 -14.71
N ASP B 81 28.29 -9.86 -14.45
CA ASP B 81 26.96 -10.42 -14.24
C ASP B 81 26.76 -10.89 -12.80
N LEU B 82 26.12 -10.06 -11.99
CA LEU B 82 25.85 -10.39 -10.60
C LEU B 82 24.62 -11.28 -10.47
N GLY B 83 24.77 -12.39 -9.75
CA GLY B 83 23.71 -13.38 -9.63
C GLY B 83 23.49 -14.06 -10.98
N CYS B 84 24.58 -14.52 -11.58
CA CYS B 84 24.53 -15.06 -12.93
C CYS B 84 23.74 -16.36 -13.01
N GLY B 85 23.67 -17.09 -11.89
CA GLY B 85 22.96 -18.35 -11.84
C GLY B 85 23.56 -19.37 -12.79
N ARG B 86 22.73 -19.94 -13.65
CA ARG B 86 23.22 -20.89 -14.65
C ARG B 86 24.12 -20.21 -15.66
N GLY B 87 23.80 -18.96 -15.99
CA GLY B 87 24.65 -18.15 -16.85
C GLY B 87 24.01 -17.64 -18.12
N GLY B 88 22.68 -17.56 -18.13
CA GLY B 88 21.95 -17.14 -19.31
C GLY B 88 22.34 -15.76 -19.84
N TRP B 89 22.30 -14.77 -18.97
CA TRP B 89 22.68 -13.41 -19.33
C TRP B 89 24.13 -13.34 -19.81
N SER B 90 25.02 -13.99 -19.07
CA SER B 90 26.44 -13.99 -19.42
C SER B 90 26.68 -14.56 -20.81
N TYR B 91 26.16 -15.76 -21.04
CA TYR B 91 26.33 -16.45 -22.31
C TYR B 91 25.72 -15.66 -23.46
N TYR B 92 24.58 -15.00 -23.21
CA TYR B 92 24.00 -14.16 -24.24
C TYR B 92 24.91 -12.98 -24.55
N ALA B 93 25.41 -12.34 -23.50
CA ALA B 93 26.24 -11.16 -23.63
C ALA B 93 27.52 -11.46 -24.38
N ALA B 94 28.02 -12.68 -24.25
CA ALA B 94 29.25 -13.07 -24.92
C ALA B 94 29.11 -13.13 -26.44
N THR B 95 27.89 -13.26 -26.92
CA THR B 95 27.65 -13.36 -28.37
C THR B 95 27.63 -11.99 -29.03
N ILE B 96 27.61 -10.94 -28.22
CA ILE B 96 27.51 -9.57 -28.73
C ILE B 96 28.87 -9.02 -29.17
N ARG B 97 28.89 -8.41 -30.35
CA ARG B 97 30.11 -7.90 -31.00
C ARG B 97 31.05 -7.13 -30.08
N LYS B 98 30.57 -6.01 -29.54
CA LYS B 98 31.42 -5.09 -28.79
C LYS B 98 31.73 -5.58 -27.36
N VAL B 99 31.32 -6.80 -27.04
CA VAL B 99 31.62 -7.37 -25.74
C VAL B 99 32.93 -8.15 -25.78
N GLN B 100 33.86 -7.78 -24.91
CA GLN B 100 35.20 -8.36 -24.93
C GLN B 100 35.41 -9.43 -23.86
N GLU B 101 34.72 -9.26 -22.73
CA GLU B 101 34.89 -10.17 -21.60
C GLU B 101 33.64 -10.21 -20.73
N VAL B 102 33.33 -11.39 -20.21
CA VAL B 102 32.14 -11.56 -19.36
C VAL B 102 32.46 -12.32 -18.08
N LYS B 103 32.35 -11.64 -16.94
CA LYS B 103 32.59 -12.30 -15.65
C LYS B 103 31.30 -12.40 -14.85
N GLY B 104 30.85 -13.63 -14.60
CA GLY B 104 29.65 -13.88 -13.83
C GLY B 104 29.95 -14.26 -12.39
N TYR B 105 29.06 -13.88 -11.47
CA TYR B 105 29.22 -14.21 -10.06
C TYR B 105 27.90 -14.65 -9.47
N THR B 106 27.87 -15.81 -8.82
CA THR B 106 26.65 -16.31 -8.20
C THR B 106 26.95 -17.04 -6.89
N LYS B 107 25.95 -17.11 -6.02
CA LYS B 107 26.13 -17.66 -4.69
C LYS B 107 26.25 -19.18 -4.68
N GLY B 108 25.46 -19.83 -5.53
CA GLY B 108 25.47 -21.28 -5.60
C GLY B 108 25.10 -21.92 -4.28
N GLY B 109 25.46 -23.20 -4.12
CA GLY B 109 25.18 -23.91 -2.88
C GLY B 109 23.73 -24.34 -2.80
N PRO B 110 23.34 -24.93 -1.65
CA PRO B 110 22.01 -25.48 -1.42
C PRO B 110 20.88 -24.48 -1.68
N GLY B 111 19.98 -24.83 -2.61
CA GLY B 111 18.83 -24.00 -2.89
C GLY B 111 19.07 -22.99 -3.99
N HIS B 112 20.31 -22.89 -4.47
CA HIS B 112 20.67 -21.92 -5.49
C HIS B 112 21.25 -22.58 -6.74
N GLU B 113 21.10 -21.92 -7.87
CA GLU B 113 21.55 -22.47 -9.14
C GLU B 113 23.06 -22.37 -9.30
N GLU B 114 23.67 -23.47 -9.75
CA GLU B 114 25.08 -23.48 -10.10
C GLU B 114 25.23 -23.14 -11.57
N PRO B 115 26.36 -22.51 -11.93
CA PRO B 115 26.65 -22.23 -13.35
C PRO B 115 26.63 -23.48 -14.21
N VAL B 116 26.23 -23.34 -15.48
CA VAL B 116 26.22 -24.44 -16.41
C VAL B 116 27.24 -24.21 -17.52
N LEU B 117 28.10 -25.20 -17.75
CA LEU B 117 29.17 -25.04 -18.73
C LEU B 117 28.74 -25.48 -20.12
N VAL B 118 29.04 -24.62 -21.09
CA VAL B 118 28.47 -24.72 -22.43
C VAL B 118 29.44 -24.09 -23.42
N GLN B 119 29.45 -24.59 -24.66
CA GLN B 119 30.30 -24.01 -25.69
C GLN B 119 29.52 -23.21 -26.73
N SER B 120 28.62 -22.36 -26.27
CA SER B 120 27.94 -21.43 -27.16
C SER B 120 28.93 -20.36 -27.59
N TYR B 121 28.63 -19.67 -28.69
CA TYR B 121 29.56 -18.73 -29.30
C TYR B 121 30.09 -17.70 -28.31
N GLY B 122 31.40 -17.71 -28.12
CA GLY B 122 32.06 -16.77 -27.22
C GLY B 122 32.16 -17.29 -25.80
N TRP B 123 32.16 -18.61 -25.65
CA TRP B 123 32.24 -19.22 -24.33
C TRP B 123 33.63 -19.05 -23.71
N ASN B 124 34.62 -18.77 -24.56
CA ASN B 124 35.98 -18.59 -24.08
C ASN B 124 36.18 -17.27 -23.34
N ILE B 125 35.38 -16.26 -23.68
CA ILE B 125 35.47 -14.98 -22.98
C ILE B 125 34.51 -14.91 -21.80
N VAL B 126 33.93 -16.05 -21.43
CA VAL B 126 33.05 -16.11 -20.28
C VAL B 126 33.72 -16.82 -19.11
N ARG B 127 33.53 -16.28 -17.91
CA ARG B 127 34.05 -16.90 -16.71
C ARG B 127 33.05 -16.80 -15.57
N LEU B 128 32.44 -17.92 -15.25
CA LEU B 128 31.40 -17.97 -14.23
C LEU B 128 31.95 -18.47 -12.90
N LYS B 129 31.83 -17.64 -11.87
CA LYS B 129 32.35 -17.96 -10.54
C LYS B 129 31.20 -18.24 -9.59
N SER B 130 31.29 -19.37 -8.88
CA SER B 130 30.26 -19.74 -7.92
C SER B 130 30.76 -19.61 -6.49
N GLY B 131 29.85 -19.78 -5.53
CA GLY B 131 30.19 -19.66 -4.13
C GLY B 131 30.51 -18.24 -3.71
N VAL B 132 29.90 -17.27 -4.39
CA VAL B 132 30.18 -15.87 -4.11
C VAL B 132 28.96 -15.08 -3.67
N ASP B 133 29.07 -14.41 -2.52
CA ASP B 133 28.04 -13.50 -2.05
C ASP B 133 28.39 -12.08 -2.48
N VAL B 134 27.61 -11.53 -3.41
CA VAL B 134 27.94 -10.23 -4.00
C VAL B 134 27.77 -9.08 -3.01
N PHE B 135 27.08 -9.33 -1.90
CA PHE B 135 26.94 -8.32 -0.86
C PHE B 135 28.20 -8.22 -0.03
N HIS B 136 29.03 -9.27 -0.09
CA HIS B 136 30.30 -9.30 0.61
C HIS B 136 31.45 -9.21 -0.38
N MET B 137 31.18 -8.60 -1.53
CA MET B 137 32.16 -8.51 -2.60
C MET B 137 32.45 -7.06 -2.99
N ALA B 138 33.74 -6.73 -3.08
CA ALA B 138 34.14 -5.38 -3.45
C ALA B 138 33.86 -5.12 -4.93
N ALA B 139 33.32 -3.94 -5.22
CA ALA B 139 33.00 -3.58 -6.60
C ALA B 139 34.28 -3.37 -7.41
N GLU B 140 34.19 -3.66 -8.70
CA GLU B 140 35.33 -3.50 -9.61
C GLU B 140 34.87 -2.81 -10.89
N PRO B 141 35.79 -2.11 -11.57
CA PRO B 141 35.44 -1.39 -12.80
C PRO B 141 34.87 -2.29 -13.90
N CYS B 142 33.89 -1.77 -14.62
CA CYS B 142 33.23 -2.52 -15.68
C CYS B 142 32.52 -1.57 -16.64
N ASP B 143 32.36 -2.01 -17.88
CA ASP B 143 31.68 -1.21 -18.89
C ASP B 143 30.19 -1.53 -18.93
N THR B 144 29.85 -2.78 -18.64
CA THR B 144 28.46 -3.21 -18.61
C THR B 144 28.13 -3.90 -17.28
N LEU B 145 27.23 -3.30 -16.52
CA LEU B 145 26.80 -3.84 -15.24
C LEU B 145 25.46 -4.56 -15.34
N LEU B 146 25.47 -5.87 -15.09
CA LEU B 146 24.27 -6.67 -15.08
C LEU B 146 23.99 -7.20 -13.68
N CYS B 147 22.72 -7.17 -13.28
CA CYS B 147 22.34 -7.74 -11.99
C CYS B 147 20.92 -8.27 -12.04
N ASP B 148 20.73 -9.53 -11.65
CA ASP B 148 19.41 -10.14 -11.73
C ASP B 148 19.01 -10.76 -10.39
N ILE B 149 19.44 -10.11 -9.31
CA ILE B 149 19.20 -10.62 -7.96
C ILE B 149 17.97 -9.98 -7.33
N GLY B 150 17.13 -10.81 -6.72
CA GLY B 150 15.92 -10.35 -6.06
C GLY B 150 14.93 -11.49 -5.90
N GLU B 151 15.01 -12.19 -4.78
CA GLU B 151 14.17 -13.37 -4.53
C GLU B 151 12.76 -12.96 -4.09
N SER B 152 11.76 -13.61 -4.68
CA SER B 152 10.35 -13.31 -4.39
C SER B 152 9.97 -13.63 -2.96
N SER B 153 8.95 -12.92 -2.47
CA SER B 153 8.38 -13.17 -1.15
C SER B 153 6.91 -12.77 -1.14
N SER B 154 6.08 -13.53 -0.43
CA SER B 154 4.67 -13.22 -0.30
C SER B 154 4.48 -11.88 0.43
N SER B 155 5.47 -11.50 1.23
CA SER B 155 5.44 -10.22 1.94
C SER B 155 6.05 -9.10 1.10
N PRO B 156 5.25 -8.09 0.77
CA PRO B 156 5.72 -6.94 -0.01
C PRO B 156 6.75 -6.13 0.77
N GLU B 157 6.71 -6.26 2.08
CA GLU B 157 7.66 -5.60 2.98
C GLU B 157 9.05 -6.22 2.85
N VAL B 158 9.07 -7.55 2.82
CA VAL B 158 10.32 -8.30 2.65
C VAL B 158 10.88 -8.10 1.25
N GLU B 159 10.01 -8.12 0.25
CA GLU B 159 10.42 -7.86 -1.13
C GLU B 159 11.01 -6.46 -1.24
N GLU B 160 10.40 -5.52 -0.54
CA GLU B 160 10.90 -4.15 -0.52
C GLU B 160 12.28 -4.09 0.11
N ALA B 161 12.45 -4.73 1.26
CA ALA B 161 13.75 -4.75 1.93
C ALA B 161 14.83 -5.35 1.04
N ARG B 162 14.53 -6.48 0.41
CA ARG B 162 15.46 -7.16 -0.47
C ARG B 162 15.85 -6.28 -1.66
N THR B 163 14.86 -5.63 -2.26
CA THR B 163 15.12 -4.75 -3.39
C THR B 163 16.01 -3.58 -2.98
N LEU B 164 15.72 -3.00 -1.82
CA LEU B 164 16.52 -1.89 -1.29
C LEU B 164 17.98 -2.32 -1.05
N ARG B 165 18.14 -3.51 -0.48
CA ARG B 165 19.48 -4.03 -0.23
C ARG B 165 20.23 -4.20 -1.55
N VAL B 166 19.55 -4.75 -2.55
CA VAL B 166 20.11 -4.90 -3.89
C VAL B 166 20.58 -3.56 -4.45
N LEU B 167 19.69 -2.56 -4.42
CA LEU B 167 20.03 -1.24 -4.94
C LEU B 167 21.22 -0.63 -4.21
N SER B 168 21.28 -0.81 -2.90
CA SER B 168 22.44 -0.35 -2.12
C SER B 168 23.71 -1.02 -2.62
N MET B 169 23.64 -2.32 -2.83
CA MET B 169 24.80 -3.09 -3.29
C MET B 169 25.27 -2.63 -4.67
N VAL B 170 24.32 -2.37 -5.58
CA VAL B 170 24.67 -2.00 -6.95
C VAL B 170 25.07 -0.53 -7.03
N GLY B 171 24.78 0.24 -5.99
CA GLY B 171 25.22 1.62 -5.94
C GLY B 171 26.73 1.74 -6.04
N ASP B 172 27.43 0.87 -5.31
CA ASP B 172 28.89 0.87 -5.28
C ASP B 172 29.46 0.53 -6.66
N TRP B 173 28.82 -0.40 -7.36
CA TRP B 173 29.26 -0.77 -8.71
C TRP B 173 28.98 0.35 -9.70
N LEU B 174 27.85 1.02 -9.52
CA LEU B 174 27.48 2.12 -10.42
C LEU B 174 28.38 3.32 -10.18
N GLU B 175 28.99 3.39 -9.01
CA GLU B 175 29.89 4.50 -8.69
C GLU B 175 31.17 4.43 -9.53
N LYS B 176 31.48 3.24 -10.05
CA LYS B 176 32.61 3.08 -10.96
C LYS B 176 32.20 3.43 -12.38
N ARG B 177 30.93 3.81 -12.52
CA ARG B 177 30.42 4.49 -13.70
C ARG B 177 30.53 3.75 -15.04
N PRO B 178 29.75 2.66 -15.19
CA PRO B 178 29.33 2.29 -16.54
C PRO B 178 28.24 3.30 -16.94
N GLY B 179 27.95 3.48 -18.22
CA GLY B 179 28.42 2.65 -19.32
C GLY B 179 27.16 2.10 -19.95
N ALA B 180 26.82 0.87 -19.58
CA ALA B 180 25.53 0.30 -19.89
C ALA B 180 25.15 -0.60 -18.71
N PHE B 181 23.89 -0.60 -18.31
CA PHE B 181 23.49 -1.48 -17.21
C PHE B 181 22.07 -2.01 -17.32
N CYS B 182 21.85 -3.13 -16.65
CA CYS B 182 20.54 -3.76 -16.56
C CYS B 182 20.38 -4.37 -15.17
N ILE B 183 19.52 -3.76 -14.36
CA ILE B 183 19.40 -4.12 -12.96
C ILE B 183 17.98 -4.49 -12.57
N LYS B 184 17.80 -5.74 -12.14
CA LYS B 184 16.49 -6.23 -11.73
C LYS B 184 15.99 -5.51 -10.49
N VAL B 185 14.77 -5.00 -10.58
CA VAL B 185 14.06 -4.43 -9.45
C VAL B 185 12.84 -5.30 -9.15
N LEU B 186 12.96 -6.11 -8.11
CA LEU B 186 11.91 -7.03 -7.72
C LEU B 186 10.62 -6.31 -7.36
N CYS B 187 10.74 -5.39 -6.41
CA CYS B 187 9.59 -4.64 -5.91
C CYS B 187 9.76 -3.14 -6.15
N PRO B 188 9.14 -2.64 -7.23
CA PRO B 188 9.16 -1.21 -7.52
C PRO B 188 7.82 -0.52 -7.28
N TYR B 189 6.92 -1.14 -6.52
CA TYR B 189 5.55 -0.64 -6.46
C TYR B 189 5.14 0.02 -5.14
N THR B 190 6.07 0.17 -4.21
CA THR B 190 5.76 0.90 -2.98
C THR B 190 6.19 2.37 -3.11
N SER B 191 5.72 3.20 -2.19
CA SER B 191 6.01 4.63 -2.22
C SER B 191 7.50 4.91 -2.12
N THR B 192 8.11 4.43 -1.04
CA THR B 192 9.54 4.63 -0.78
C THR B 192 10.38 4.09 -1.94
N MET B 193 9.95 2.97 -2.52
CA MET B 193 10.66 2.38 -3.63
C MET B 193 10.68 3.30 -4.84
N MET B 194 9.52 3.83 -5.21
CA MET B 194 9.43 4.74 -6.34
C MET B 194 10.23 6.01 -6.08
N GLU B 195 10.22 6.46 -4.83
CA GLU B 195 11.01 7.62 -4.42
C GLU B 195 12.51 7.39 -4.66
N THR B 196 13.03 6.33 -4.05
CA THR B 196 14.45 5.99 -4.15
C THR B 196 14.85 5.69 -5.59
N LEU B 197 13.91 5.18 -6.38
CA LEU B 197 14.15 4.87 -7.79
C LEU B 197 14.23 6.14 -8.62
N GLU B 198 13.44 7.15 -8.25
CA GLU B 198 13.55 8.44 -8.91
C GLU B 198 14.88 9.10 -8.56
N ARG B 199 15.28 8.99 -7.30
CA ARG B 199 16.58 9.53 -6.90
C ARG B 199 17.71 8.85 -7.67
N LEU B 200 17.62 7.52 -7.78
CA LEU B 200 18.64 6.74 -8.49
C LEU B 200 18.66 7.03 -9.98
N GLN B 201 17.49 7.27 -10.57
CA GLN B 201 17.42 7.60 -11.98
C GLN B 201 18.00 8.98 -12.22
N ARG B 202 17.81 9.88 -11.26
CA ARG B 202 18.37 11.22 -11.39
C ARG B 202 19.89 11.20 -11.23
N ARG B 203 20.40 10.32 -10.39
CA ARG B 203 21.85 10.28 -10.15
C ARG B 203 22.60 9.47 -11.22
N TYR B 204 21.98 8.41 -11.74
CA TYR B 204 22.69 7.52 -12.67
C TYR B 204 22.06 7.43 -14.06
N GLY B 205 20.82 7.89 -14.19
CA GLY B 205 20.14 7.85 -15.47
C GLY B 205 19.31 6.60 -15.68
N GLY B 206 19.04 6.27 -16.94
CA GLY B 206 18.26 5.09 -17.27
C GLY B 206 16.80 5.19 -16.88
N GLY B 207 16.10 4.06 -17.00
CA GLY B 207 14.69 4.01 -16.66
C GLY B 207 14.19 2.60 -16.41
N LEU B 208 12.96 2.48 -15.94
CA LEU B 208 12.36 1.17 -15.66
C LEU B 208 11.60 0.63 -16.87
N VAL B 209 11.76 -0.67 -17.12
CA VAL B 209 11.09 -1.33 -18.24
C VAL B 209 10.52 -2.69 -17.84
N ARG B 210 9.25 -2.93 -18.16
CA ARG B 210 8.63 -4.22 -17.88
C ARG B 210 8.84 -5.19 -19.04
N VAL B 211 9.35 -6.38 -18.72
CA VAL B 211 9.57 -7.42 -19.72
C VAL B 211 8.38 -8.37 -19.79
N PRO B 212 7.78 -8.50 -20.99
CA PRO B 212 6.60 -9.35 -21.20
C PRO B 212 6.88 -10.84 -20.91
N LEU B 213 8.15 -11.21 -20.89
CA LEU B 213 8.53 -12.57 -20.56
C LEU B 213 8.42 -12.85 -19.06
N SER B 214 8.22 -11.79 -18.28
CA SER B 214 8.00 -11.93 -16.84
C SER B 214 6.59 -12.47 -16.56
N ARG B 215 6.48 -13.31 -15.55
CA ARG B 215 5.18 -13.86 -15.17
C ARG B 215 4.35 -12.81 -14.45
N ASN B 216 3.04 -13.04 -14.38
CA ASN B 216 2.14 -12.12 -13.70
C ASN B 216 2.21 -12.26 -12.19
N SER B 217 2.92 -13.28 -11.72
CA SER B 217 3.08 -13.52 -10.29
C SER B 217 4.22 -12.68 -9.70
N THR B 218 4.82 -11.82 -10.52
CA THR B 218 5.88 -10.93 -10.04
C THR B 218 5.78 -9.55 -10.68
N HIS B 219 6.07 -8.53 -9.90
CA HIS B 219 5.98 -7.16 -10.38
C HIS B 219 7.35 -6.66 -10.80
N GLU B 220 8.24 -7.59 -11.10
CA GLU B 220 9.64 -7.26 -11.41
C GLU B 220 9.75 -6.36 -12.64
N MET B 221 10.59 -5.34 -12.54
CA MET B 221 10.88 -4.47 -13.67
C MET B 221 12.38 -4.25 -13.76
N TYR B 222 12.89 -3.97 -14.96
CA TYR B 222 14.32 -3.84 -15.14
C TYR B 222 14.77 -2.40 -15.37
N TRP B 223 15.62 -1.93 -14.47
CA TRP B 223 16.26 -0.63 -14.58
C TRP B 223 17.40 -0.71 -15.58
N VAL B 224 17.15 -0.24 -16.80
CA VAL B 224 18.16 -0.30 -17.85
C VAL B 224 18.67 1.10 -18.19
N SER B 225 19.87 1.17 -18.75
CA SER B 225 20.54 2.44 -19.01
C SER B 225 20.00 3.19 -20.23
N GLY B 226 19.49 2.45 -21.21
CA GLY B 226 19.03 3.05 -22.45
C GLY B 226 17.57 3.48 -22.44
N ALA B 227 16.94 3.41 -21.28
CA ALA B 227 15.55 3.84 -21.15
C ALA B 227 15.45 5.23 -20.57
N LYS B 228 14.36 5.92 -20.91
CA LYS B 228 14.12 7.26 -20.39
C LYS B 228 12.62 7.43 -20.15
N SER B 229 12.19 7.21 -18.91
CA SER B 229 10.76 7.23 -18.60
C SER B 229 10.47 7.69 -17.17
N ASN B 230 9.23 8.10 -16.96
CA ASN B 230 8.76 8.49 -15.63
C ASN B 230 8.44 7.24 -14.81
N THR B 231 9.20 7.06 -13.72
CA THR B 231 9.12 5.85 -12.91
C THR B 231 7.70 5.58 -12.43
N ILE B 232 7.08 6.59 -11.84
CA ILE B 232 5.72 6.48 -11.32
C ILE B 232 4.77 5.97 -12.40
N LYS B 233 4.87 6.56 -13.58
CA LYS B 233 3.96 6.22 -14.67
C LYS B 233 4.18 4.80 -15.16
N SER B 234 5.41 4.44 -15.53
CA SER B 234 5.72 3.10 -16.04
C SER B 234 5.35 2.01 -15.03
N VAL B 235 5.77 2.20 -13.78
CA VAL B 235 5.40 1.31 -12.69
C VAL B 235 3.89 1.15 -12.61
N SER B 236 3.19 2.28 -12.57
CA SER B 236 1.74 2.25 -12.40
C SER B 236 1.01 1.58 -13.57
N THR B 237 1.53 1.72 -14.78
CA THR B 237 0.93 1.04 -15.93
C THR B 237 1.20 -0.46 -15.85
N THR B 238 2.38 -0.84 -15.38
CA THR B 238 2.65 -2.26 -15.16
C THR B 238 1.64 -2.82 -14.15
N SER B 239 1.41 -2.06 -13.09
CA SER B 239 0.43 -2.43 -12.08
C SER B 239 -0.98 -2.52 -12.67
N GLN B 240 -1.31 -1.62 -13.58
CA GLN B 240 -2.62 -1.63 -14.22
C GLN B 240 -2.79 -2.87 -15.09
N LEU B 241 -1.72 -3.27 -15.76
CA LEU B 241 -1.73 -4.47 -16.59
C LEU B 241 -1.94 -5.71 -15.72
N LEU B 242 -1.10 -5.86 -14.70
CA LEU B 242 -1.17 -7.01 -13.80
C LEU B 242 -2.52 -7.09 -13.08
N LEU B 243 -3.04 -5.94 -12.67
CA LEU B 243 -4.36 -5.86 -12.04
C LEU B 243 -5.45 -6.27 -13.01
N GLY B 244 -5.37 -5.76 -14.24
CA GLY B 244 -6.35 -6.05 -15.26
C GLY B 244 -6.42 -7.52 -15.63
N ARG B 245 -5.28 -8.18 -15.67
CA ARG B 245 -5.25 -9.58 -16.07
C ARG B 245 -5.83 -10.53 -15.00
N MET B 246 -6.33 -9.97 -13.91
CA MET B 246 -6.89 -10.78 -12.82
C MET B 246 -8.40 -11.00 -12.90
N ASP B 247 -9.08 -10.27 -13.78
CA ASP B 247 -10.54 -10.32 -13.79
C ASP B 247 -11.15 -10.95 -15.04
N GLY B 248 -10.51 -10.75 -16.18
CA GLY B 248 -11.01 -11.31 -17.43
C GLY B 248 -10.83 -12.81 -17.50
N PRO B 249 -10.99 -13.38 -18.71
CA PRO B 249 -10.72 -14.80 -18.92
C PRO B 249 -9.22 -15.04 -19.02
N ARG B 250 -8.79 -16.28 -19.11
CA ARG B 250 -7.37 -16.54 -19.29
C ARG B 250 -6.95 -16.23 -20.72
N ARG B 251 -6.13 -15.19 -20.87
CA ARG B 251 -5.57 -14.86 -22.16
C ARG B 251 -4.51 -15.89 -22.52
N PRO B 252 -4.43 -16.26 -23.81
CA PRO B 252 -3.51 -17.31 -24.26
C PRO B 252 -2.05 -16.86 -24.23
N VAL B 253 -1.15 -17.82 -24.00
CA VAL B 253 0.28 -17.54 -23.93
C VAL B 253 0.86 -17.28 -25.32
N LYS B 254 1.61 -16.20 -25.46
CA LYS B 254 2.32 -15.91 -26.70
C LYS B 254 3.66 -16.65 -26.74
N TYR B 255 3.63 -17.90 -27.20
CA TYR B 255 4.86 -18.69 -27.25
C TYR B 255 5.80 -18.18 -28.33
N GLU B 256 7.10 -18.26 -28.06
CA GLU B 256 8.10 -17.77 -29.00
C GLU B 256 9.32 -18.69 -29.00
N GLU B 257 10.10 -18.61 -30.06
CA GLU B 257 11.27 -19.46 -30.26
C GLU B 257 12.40 -19.06 -29.32
N ASP B 258 13.04 -20.03 -28.67
CA ASP B 258 14.14 -19.67 -27.77
C ASP B 258 15.32 -19.11 -28.57
N VAL B 259 16.14 -18.30 -27.93
CA VAL B 259 17.32 -17.73 -28.58
C VAL B 259 18.40 -18.79 -28.76
N ASN B 260 19.02 -18.83 -29.93
CA ASN B 260 20.13 -19.73 -30.18
C ASN B 260 21.45 -18.98 -30.14
N LEU B 261 22.38 -19.43 -29.31
CA LEU B 261 23.63 -18.70 -29.08
C LEU B 261 24.80 -19.24 -29.88
N GLY B 262 24.52 -20.10 -30.86
CA GLY B 262 25.55 -20.63 -31.74
C GLY B 262 26.63 -21.41 -31.03
N SER B 263 27.80 -21.48 -31.63
CA SER B 263 28.93 -22.19 -31.04
C SER B 263 30.26 -21.57 -31.44
N GLY B 264 31.35 -22.20 -31.02
CA GLY B 264 32.68 -21.74 -31.39
C GLY B 264 33.22 -20.69 -30.46
N THR B 265 34.49 -20.33 -30.67
CA THR B 265 35.17 -19.36 -29.82
C THR B 265 35.27 -18.00 -30.48
N ARG B 266 35.72 -17.00 -29.72
CA ARG B 266 35.96 -15.67 -30.26
C ARG B 266 37.45 -15.35 -30.26
N GLU C 8 -37.30 19.24 13.45
CA GLU C 8 -36.10 19.53 12.67
C GLU C 8 -35.08 18.40 12.77
N THR C 9 -34.73 17.81 11.64
CA THR C 9 -33.73 16.75 11.62
C THR C 9 -32.33 17.35 11.46
N LEU C 10 -31.30 16.52 11.67
CA LEU C 10 -29.92 16.99 11.61
C LEU C 10 -29.55 17.52 10.23
N GLY C 11 -29.99 16.84 9.17
CA GLY C 11 -29.71 17.26 7.82
C GLY C 11 -30.27 18.63 7.50
N GLU C 12 -31.45 18.90 8.05
CA GLU C 12 -32.12 20.19 7.87
C GLU C 12 -31.35 21.28 8.61
N LYS C 13 -30.89 20.94 9.81
CA LYS C 13 -29.98 21.80 10.56
C LYS C 13 -28.78 22.16 9.68
N TRP C 14 -28.23 21.14 9.04
CA TRP C 14 -27.08 21.30 8.16
C TRP C 14 -27.37 22.19 6.96
N LYS C 15 -28.55 22.04 6.36
CA LYS C 15 -28.93 22.84 5.19
C LYS C 15 -29.10 24.30 5.58
N ALA C 16 -29.75 24.53 6.71
CA ALA C 16 -29.88 25.89 7.25
C ALA C 16 -28.50 26.51 7.45
N ARG C 17 -27.69 25.84 8.28
CA ARG C 17 -26.32 26.27 8.55
C ARG C 17 -25.56 26.59 7.27
N LEU C 18 -25.69 25.71 6.28
CA LEU C 18 -25.04 25.88 4.99
C LEU C 18 -25.49 27.16 4.30
N ASN C 19 -26.79 27.40 4.31
CA ASN C 19 -27.34 28.58 3.67
C ASN C 19 -27.00 29.89 4.39
N GLN C 20 -26.70 29.84 5.68
CA GLN C 20 -26.34 31.07 6.38
C GLN C 20 -24.83 31.36 6.37
N MET C 21 -24.05 30.46 5.76
CA MET C 21 -22.61 30.68 5.67
C MET C 21 -22.28 31.79 4.67
N SER C 22 -21.25 32.57 4.99
CA SER C 22 -20.75 33.57 4.06
C SER C 22 -20.07 32.87 2.88
N ALA C 23 -19.95 33.58 1.76
CA ALA C 23 -19.40 33.00 0.54
C ALA C 23 -18.00 32.41 0.76
N LEU C 24 -17.19 33.09 1.55
CA LEU C 24 -15.84 32.64 1.86
C LEU C 24 -15.89 31.33 2.65
N GLU C 25 -16.66 31.33 3.72
CA GLU C 25 -16.82 30.15 4.57
C GLU C 25 -17.30 28.96 3.74
N PHE C 26 -18.24 29.23 2.83
CA PHE C 26 -18.77 28.20 1.96
C PHE C 26 -17.70 27.66 1.01
N TYR C 27 -16.93 28.56 0.41
CA TYR C 27 -15.85 28.15 -0.49
C TYR C 27 -14.84 27.29 0.22
N SER C 28 -14.57 27.58 1.49
CA SER C 28 -13.64 26.76 2.25
C SER C 28 -14.26 25.41 2.60
N TYR C 29 -15.57 25.44 2.86
CA TYR C 29 -16.26 24.27 3.39
C TYR C 29 -16.57 23.20 2.35
N LYS C 30 -16.89 23.63 1.13
CA LYS C 30 -17.34 22.73 0.07
C LYS C 30 -16.50 21.47 -0.11
N LYS C 31 -15.18 21.61 -0.04
CA LYS C 31 -14.27 20.51 -0.32
C LYS C 31 -13.47 20.09 0.89
N SER C 32 -13.82 20.64 2.05
CA SER C 32 -13.08 20.39 3.28
C SER C 32 -13.03 18.91 3.62
N GLY C 33 -11.83 18.34 3.53
CA GLY C 33 -11.59 16.96 3.93
C GLY C 33 -12.22 15.91 3.04
N ILE C 34 -12.72 16.32 1.88
CA ILE C 34 -13.35 15.38 0.96
C ILE C 34 -12.31 14.67 0.11
N THR C 35 -12.72 13.57 -0.52
CA THR C 35 -11.86 12.85 -1.44
C THR C 35 -12.08 13.37 -2.86
N GLU C 36 -10.99 13.71 -3.54
CA GLU C 36 -11.08 14.28 -4.87
C GLU C 36 -10.13 13.59 -5.84
N VAL C 37 -10.56 13.48 -7.10
CA VAL C 37 -9.77 12.83 -8.13
C VAL C 37 -9.19 13.88 -9.08
N CYS C 38 -7.94 13.69 -9.48
CA CYS C 38 -7.27 14.63 -10.37
C CYS C 38 -7.79 14.49 -11.81
N ARG C 39 -8.21 15.60 -12.41
CA ARG C 39 -8.82 15.55 -13.73
C ARG C 39 -7.98 16.32 -14.75
N GLU C 40 -6.91 16.94 -14.25
CA GLU C 40 -5.69 17.25 -15.00
C GLU C 40 -5.73 16.71 -16.44
N GLU C 41 -5.47 15.41 -16.50
CA GLU C 41 -5.05 14.76 -17.72
C GLU C 41 -6.18 14.44 -18.61
N ALA C 42 -7.27 14.02 -17.94
CA ALA C 42 -8.49 13.58 -18.57
C ALA C 42 -8.96 14.66 -19.50
N ARG C 43 -9.03 15.87 -18.94
CA ARG C 43 -9.48 17.02 -19.71
C ARG C 43 -8.44 17.64 -20.64
N ARG C 44 -7.17 17.77 -20.25
CA ARG C 44 -6.21 18.30 -21.24
C ARG C 44 -6.21 17.45 -22.52
N ALA C 45 -6.45 16.15 -22.35
CA ALA C 45 -6.50 15.23 -23.49
C ALA C 45 -7.85 15.21 -24.20
N LEU C 46 -8.94 15.34 -23.43
CA LEU C 46 -10.28 15.35 -24.02
C LEU C 46 -10.52 16.60 -24.84
N LYS C 47 -9.83 17.68 -24.49
CA LYS C 47 -9.92 18.94 -25.20
C LYS C 47 -9.17 18.86 -26.54
N ASP C 48 -8.09 18.09 -26.55
CA ASP C 48 -7.31 17.87 -27.76
C ASP C 48 -7.96 16.77 -28.58
N GLY C 49 -8.97 16.13 -28.00
CA GLY C 49 -9.84 15.21 -28.71
C GLY C 49 -9.28 13.85 -29.06
N VAL C 50 -8.45 13.27 -28.20
CA VAL C 50 -7.96 11.90 -28.44
C VAL C 50 -8.70 10.93 -27.53
N ALA C 51 -9.37 9.96 -28.14
CA ALA C 51 -10.33 9.09 -27.45
C ALA C 51 -9.69 7.88 -26.80
N THR C 52 -8.37 7.78 -26.89
CA THR C 52 -7.64 6.72 -26.22
C THR C 52 -6.97 7.27 -24.97
N GLY C 53 -6.21 6.43 -24.28
CA GLY C 53 -5.51 6.83 -23.06
C GLY C 53 -6.34 6.43 -21.87
N GLY C 54 -7.57 6.04 -22.17
CA GLY C 54 -8.58 5.68 -21.18
C GLY C 54 -8.98 6.73 -20.19
N HIS C 55 -9.14 7.98 -20.61
CA HIS C 55 -9.54 8.87 -19.52
C HIS C 55 -11.04 8.89 -19.47
N ALA C 56 -11.50 9.08 -18.24
CA ALA C 56 -12.89 9.16 -17.92
C ALA C 56 -13.44 10.49 -18.39
N VAL C 57 -14.67 10.47 -18.89
CA VAL C 57 -15.27 11.68 -19.43
C VAL C 57 -15.74 12.62 -18.32
N SER C 58 -15.87 12.09 -17.11
CA SER C 58 -16.30 12.89 -15.97
C SER C 58 -15.85 12.26 -14.66
N ARG C 59 -16.22 12.89 -13.55
CA ARG C 59 -15.83 12.42 -12.23
C ARG C 59 -16.71 11.22 -11.79
N GLY C 60 -17.86 11.10 -12.43
CA GLY C 60 -18.86 10.10 -12.09
C GLY C 60 -18.22 8.74 -12.09
N SER C 61 -17.35 8.50 -13.07
CA SER C 61 -16.69 7.20 -13.20
C SER C 61 -16.01 6.81 -11.90
N ALA C 62 -15.40 7.78 -11.22
CA ALA C 62 -14.78 7.54 -9.92
C ALA C 62 -15.82 7.15 -8.88
N LYS C 63 -16.88 7.95 -8.75
CA LYS C 63 -17.94 7.69 -7.78
C LYS C 63 -18.46 6.27 -7.91
N LEU C 64 -18.94 5.93 -9.11
CA LEU C 64 -19.43 4.58 -9.38
C LEU C 64 -18.35 3.55 -9.06
N ARG C 65 -17.11 3.85 -9.44
CA ARG C 65 -15.99 2.97 -9.15
C ARG C 65 -15.93 2.71 -7.65
N TRP C 66 -15.99 3.80 -6.88
CA TRP C 66 -15.93 3.70 -5.42
C TRP C 66 -17.00 2.75 -4.90
N LEU C 67 -18.15 2.75 -5.57
CA LEU C 67 -19.27 1.92 -5.14
C LEU C 67 -19.08 0.46 -5.56
N VAL C 68 -18.47 0.24 -6.72
CA VAL C 68 -18.38 -1.11 -7.24
C VAL C 68 -17.25 -1.90 -6.58
N GLU C 69 -16.11 -1.24 -6.40
CA GLU C 69 -14.93 -1.90 -5.83
C GLU C 69 -15.15 -2.30 -4.37
N ARG C 70 -16.13 -1.69 -3.72
CA ARG C 70 -16.45 -2.02 -2.34
C ARG C 70 -17.71 -2.89 -2.27
N GLY C 71 -18.13 -3.39 -3.42
CA GLY C 71 -19.21 -4.36 -3.49
C GLY C 71 -20.59 -3.85 -3.13
N TYR C 72 -20.81 -2.55 -3.27
CA TYR C 72 -22.12 -1.98 -2.99
C TYR C 72 -23.10 -2.25 -4.14
N LEU C 73 -22.56 -2.69 -5.27
CA LEU C 73 -23.36 -3.25 -6.36
C LEU C 73 -22.45 -4.00 -7.33
N GLN C 74 -23.03 -4.95 -8.06
CA GLN C 74 -22.26 -5.76 -9.00
C GLN C 74 -22.89 -5.74 -10.38
N PRO C 75 -22.58 -4.71 -11.18
CA PRO C 75 -23.15 -4.48 -12.52
C PRO C 75 -22.96 -5.66 -13.47
N TYR C 76 -24.01 -5.98 -14.23
CA TYR C 76 -24.00 -7.14 -15.11
C TYR C 76 -25.09 -7.03 -16.18
N GLY C 77 -24.95 -7.81 -17.24
CA GLY C 77 -25.96 -7.92 -18.28
C GLY C 77 -26.25 -6.60 -18.99
N LYS C 78 -27.53 -6.24 -19.04
CA LYS C 78 -27.95 -5.00 -19.68
C LYS C 78 -27.99 -3.86 -18.67
N VAL C 79 -27.32 -2.76 -19.01
CA VAL C 79 -27.23 -1.61 -18.11
C VAL C 79 -27.96 -0.40 -18.66
N ILE C 80 -28.87 0.17 -17.86
CA ILE C 80 -29.54 1.41 -18.23
C ILE C 80 -29.04 2.57 -17.37
N ASP C 81 -28.44 3.57 -18.00
CA ASP C 81 -27.95 4.73 -17.26
C ASP C 81 -28.85 5.94 -17.50
N LEU C 82 -29.77 6.18 -16.57
CA LEU C 82 -30.64 7.35 -16.63
C LEU C 82 -29.86 8.59 -16.16
N GLY C 83 -29.93 9.66 -16.95
CA GLY C 83 -29.16 10.85 -16.64
C GLY C 83 -27.69 10.55 -16.78
N CYS C 84 -27.30 10.04 -17.94
CA CYS C 84 -25.93 9.60 -18.17
C CYS C 84 -24.97 10.78 -18.32
N GLY C 85 -25.48 11.90 -18.82
CA GLY C 85 -24.66 13.09 -19.02
C GLY C 85 -23.59 12.87 -20.07
N ARG C 86 -22.35 13.15 -19.71
CA ARG C 86 -21.26 12.88 -20.61
C ARG C 86 -21.09 11.39 -20.83
N GLY C 87 -21.24 10.63 -19.74
CA GLY C 87 -21.29 9.18 -19.84
C GLY C 87 -20.33 8.43 -18.94
N GLY C 88 -19.88 9.07 -17.87
CA GLY C 88 -18.90 8.47 -16.96
C GLY C 88 -19.33 7.12 -16.41
N TRP C 89 -20.55 7.07 -15.89
CA TRP C 89 -21.11 5.83 -15.36
C TRP C 89 -21.20 4.75 -16.43
N SER C 90 -21.66 5.12 -17.62
CA SER C 90 -21.80 4.19 -18.73
C SER C 90 -20.45 3.60 -19.13
N TYR C 91 -19.48 4.47 -19.39
CA TYR C 91 -18.16 4.04 -19.84
C TYR C 91 -17.45 3.20 -18.79
N TYR C 92 -17.62 3.55 -17.52
CA TYR C 92 -17.04 2.71 -16.47
C TYR C 92 -17.74 1.35 -16.42
N ALA C 93 -19.06 1.35 -16.55
CA ALA C 93 -19.85 0.13 -16.48
C ALA C 93 -19.47 -0.84 -17.60
N ALA C 94 -19.14 -0.30 -18.76
CA ALA C 94 -18.77 -1.12 -19.92
C ALA C 94 -17.47 -1.89 -19.71
N THR C 95 -16.63 -1.41 -18.79
CA THR C 95 -15.35 -2.05 -18.52
C THR C 95 -15.49 -3.25 -17.61
N ILE C 96 -16.66 -3.38 -17.00
CA ILE C 96 -16.96 -4.50 -16.11
C ILE C 96 -17.29 -5.74 -16.93
N ARG C 97 -16.73 -6.88 -16.55
CA ARG C 97 -16.77 -8.07 -17.41
C ARG C 97 -18.17 -8.68 -17.55
N LYS C 98 -18.92 -8.75 -16.45
CA LYS C 98 -20.25 -9.34 -16.49
C LYS C 98 -21.25 -8.48 -17.27
N VAL C 99 -20.83 -7.27 -17.65
CA VAL C 99 -21.70 -6.38 -18.40
C VAL C 99 -21.62 -6.67 -19.91
N GLN C 100 -22.78 -6.86 -20.53
CA GLN C 100 -22.85 -7.19 -21.95
C GLN C 100 -23.27 -6.00 -22.81
N GLU C 101 -24.05 -5.10 -22.22
CA GLU C 101 -24.62 -3.98 -22.97
C GLU C 101 -24.90 -2.78 -22.06
N VAL C 102 -24.63 -1.58 -22.57
CA VAL C 102 -24.88 -0.35 -21.81
C VAL C 102 -25.67 0.66 -22.61
N LYS C 103 -26.84 1.05 -22.10
CA LYS C 103 -27.66 2.08 -22.73
C LYS C 103 -27.86 3.26 -21.79
N GLY C 104 -27.40 4.44 -22.22
CA GLY C 104 -27.54 5.64 -21.42
C GLY C 104 -28.51 6.63 -22.03
N TYR C 105 -29.19 7.38 -21.17
CA TYR C 105 -30.18 8.36 -21.62
C TYR C 105 -29.97 9.70 -20.91
N THR C 106 -30.00 10.78 -21.68
CA THR C 106 -29.80 12.11 -21.10
C THR C 106 -30.72 13.14 -21.75
N LYS C 107 -30.94 14.24 -21.04
CA LYS C 107 -31.79 15.31 -21.53
C LYS C 107 -31.08 16.16 -22.57
N GLY C 108 -29.84 16.55 -22.26
CA GLY C 108 -29.05 17.38 -23.15
C GLY C 108 -29.67 18.75 -23.37
N GLY C 109 -29.27 19.41 -24.45
CA GLY C 109 -29.78 20.73 -24.76
C GLY C 109 -29.10 21.82 -23.96
N PRO C 110 -29.71 23.01 -23.93
CA PRO C 110 -29.18 24.18 -23.21
C PRO C 110 -29.05 23.93 -21.70
N GLY C 111 -27.85 24.15 -21.16
CA GLY C 111 -27.63 24.07 -19.73
C GLY C 111 -27.34 22.68 -19.22
N HIS C 112 -27.57 21.67 -20.05
CA HIS C 112 -27.34 20.28 -19.65
C HIS C 112 -26.18 19.66 -20.45
N GLU C 113 -25.56 18.64 -19.88
CA GLU C 113 -24.41 17.98 -20.49
C GLU C 113 -24.81 17.11 -21.67
N GLU C 114 -23.96 17.09 -22.69
CA GLU C 114 -24.15 16.24 -23.85
C GLU C 114 -23.25 15.01 -23.76
N PRO C 115 -23.71 13.88 -24.32
CA PRO C 115 -22.92 12.66 -24.37
C PRO C 115 -21.59 12.85 -25.11
N VAL C 116 -20.51 12.31 -24.55
CA VAL C 116 -19.19 12.46 -25.14
C VAL C 116 -18.69 11.14 -25.70
N LEU C 117 -18.20 11.16 -26.94
CA LEU C 117 -17.71 9.95 -27.59
C LEU C 117 -16.23 9.71 -27.31
N VAL C 118 -15.93 8.52 -26.79
CA VAL C 118 -14.58 8.14 -26.40
C VAL C 118 -14.41 6.64 -26.60
N GLN C 119 -13.24 6.21 -27.06
CA GLN C 119 -13.01 4.79 -27.27
C GLN C 119 -12.27 4.13 -26.11
N SER C 120 -12.79 4.32 -24.90
CA SER C 120 -12.30 3.61 -23.74
C SER C 120 -12.72 2.14 -23.85
N TYR C 121 -12.15 1.28 -23.02
CA TYR C 121 -12.39 -0.16 -23.12
C TYR C 121 -13.87 -0.51 -23.02
N GLY C 122 -14.38 -1.18 -24.05
CA GLY C 122 -15.77 -1.60 -24.08
C GLY C 122 -16.72 -0.54 -24.60
N TRP C 123 -16.19 0.37 -25.42
CA TRP C 123 -17.00 1.47 -25.94
C TRP C 123 -18.03 0.98 -26.97
N ASN C 124 -17.75 -0.15 -27.61
CA ASN C 124 -18.60 -0.66 -28.67
C ASN C 124 -19.92 -1.23 -28.17
N ILE C 125 -20.03 -1.46 -26.87
CA ILE C 125 -21.27 -1.97 -26.29
C ILE C 125 -22.04 -0.85 -25.57
N VAL C 126 -21.63 0.39 -25.83
CA VAL C 126 -22.23 1.55 -25.17
C VAL C 126 -22.99 2.41 -26.16
N ARG C 127 -24.20 2.84 -25.78
CA ARG C 127 -24.94 3.80 -26.59
C ARG C 127 -25.60 4.88 -25.75
N LEU C 128 -25.15 6.11 -25.96
CA LEU C 128 -25.67 7.26 -25.25
C LEU C 128 -26.66 8.01 -26.12
N LYS C 129 -27.91 8.11 -25.69
CA LYS C 129 -28.91 8.86 -26.44
C LYS C 129 -29.21 10.18 -25.75
N SER C 130 -29.16 11.26 -26.53
CA SER C 130 -29.42 12.60 -26.01
C SER C 130 -30.83 13.08 -26.39
N GLY C 131 -31.24 14.19 -25.80
CA GLY C 131 -32.55 14.75 -26.10
C GLY C 131 -33.69 13.90 -25.56
N VAL C 132 -33.45 13.25 -24.42
CA VAL C 132 -34.43 12.34 -23.85
C VAL C 132 -34.84 12.72 -22.43
N ASP C 133 -36.15 12.83 -22.20
CA ASP C 133 -36.66 13.09 -20.86
C ASP C 133 -37.14 11.79 -20.23
N VAL C 134 -36.47 11.35 -19.18
CA VAL C 134 -36.77 10.06 -18.57
C VAL C 134 -38.07 10.07 -17.79
N PHE C 135 -38.60 11.26 -17.51
CA PHE C 135 -39.88 11.38 -16.82
C PHE C 135 -41.02 11.19 -17.81
N HIS C 136 -40.72 11.36 -19.09
CA HIS C 136 -41.69 11.11 -20.15
C HIS C 136 -41.23 9.94 -21.01
N MET C 137 -40.76 8.89 -20.34
CA MET C 137 -40.22 7.73 -21.01
C MET C 137 -40.68 6.45 -20.31
N ALA C 138 -41.31 5.57 -21.06
CA ALA C 138 -41.75 4.29 -20.51
C ALA C 138 -40.54 3.46 -20.10
N ALA C 139 -40.66 2.79 -18.96
CA ALA C 139 -39.59 1.94 -18.47
C ALA C 139 -39.39 0.73 -19.38
N GLU C 140 -38.19 0.15 -19.32
CA GLU C 140 -37.90 -1.05 -20.08
C GLU C 140 -37.01 -1.97 -19.23
N PRO C 141 -37.12 -3.28 -19.43
CA PRO C 141 -36.37 -4.25 -18.61
C PRO C 141 -34.86 -4.05 -18.68
N CYS C 142 -34.18 -4.34 -17.57
CA CYS C 142 -32.73 -4.29 -17.53
C CYS C 142 -32.22 -5.11 -16.35
N ASP C 143 -30.94 -5.45 -16.39
CA ASP C 143 -30.33 -6.21 -15.31
C ASP C 143 -29.70 -5.25 -14.29
N THR C 144 -29.21 -4.12 -14.79
CA THR C 144 -28.61 -3.11 -13.93
C THR C 144 -29.21 -1.74 -14.19
N LEU C 145 -29.72 -1.12 -13.14
CA LEU C 145 -30.34 0.21 -13.27
C LEU C 145 -29.55 1.29 -12.54
N LEU C 146 -29.06 2.25 -13.32
CA LEU C 146 -28.33 3.38 -12.78
C LEU C 146 -29.12 4.67 -12.98
N CYS C 147 -29.08 5.53 -11.99
CA CYS C 147 -29.72 6.84 -12.09
C CYS C 147 -28.91 7.85 -11.29
N ASP C 148 -28.60 8.99 -11.90
CA ASP C 148 -27.79 9.99 -11.25
C ASP C 148 -28.43 11.38 -11.40
N ILE C 149 -29.74 11.42 -11.26
CA ILE C 149 -30.51 12.64 -11.48
C ILE C 149 -30.95 13.28 -10.16
N GLY C 150 -30.79 14.60 -10.06
CA GLY C 150 -31.18 15.32 -8.87
C GLY C 150 -30.50 16.68 -8.76
N GLU C 151 -31.15 17.71 -9.30
CA GLU C 151 -30.61 19.06 -9.28
C GLU C 151 -30.72 19.70 -7.91
N SER C 152 -29.59 20.19 -7.40
CA SER C 152 -29.57 20.85 -6.09
C SER C 152 -30.35 22.15 -6.09
N SER C 153 -30.81 22.56 -4.91
CA SER C 153 -31.51 23.82 -4.72
C SER C 153 -31.26 24.37 -3.32
N SER C 154 -31.23 25.69 -3.20
CA SER C 154 -31.04 26.36 -1.91
C SER C 154 -32.11 25.92 -0.91
N SER C 155 -33.30 25.70 -1.45
CA SER C 155 -34.48 25.29 -0.70
C SER C 155 -34.55 23.77 -0.53
N PRO C 156 -34.57 23.30 0.74
CA PRO C 156 -34.70 21.86 1.00
C PRO C 156 -36.02 21.28 0.51
N GLU C 157 -37.09 22.06 0.56
CA GLU C 157 -38.40 21.59 0.10
C GLU C 157 -38.38 21.31 -1.40
N VAL C 158 -37.69 22.16 -2.16
CA VAL C 158 -37.54 21.95 -3.60
C VAL C 158 -36.72 20.70 -3.88
N GLU C 159 -35.55 20.61 -3.26
CA GLU C 159 -34.67 19.45 -3.38
C GLU C 159 -35.43 18.17 -3.12
N GLU C 160 -36.29 18.22 -2.10
CA GLU C 160 -37.04 17.07 -1.63
C GLU C 160 -38.20 16.69 -2.55
N ALA C 161 -38.91 17.68 -3.06
CA ALA C 161 -39.97 17.42 -4.04
C ALA C 161 -39.35 16.79 -5.27
N ARG C 162 -38.18 17.29 -5.65
CA ARG C 162 -37.42 16.75 -6.78
C ARG C 162 -37.00 15.31 -6.53
N THR C 163 -36.52 15.03 -5.32
CA THR C 163 -36.09 13.67 -4.99
C THR C 163 -37.28 12.72 -5.02
N LEU C 164 -38.42 13.17 -4.51
CA LEU C 164 -39.66 12.40 -4.56
C LEU C 164 -40.03 12.09 -6.00
N ARG C 165 -39.91 13.09 -6.86
CA ARG C 165 -40.18 12.92 -8.29
C ARG C 165 -39.27 11.87 -8.91
N VAL C 166 -37.98 11.95 -8.59
CA VAL C 166 -36.99 10.99 -9.08
C VAL C 166 -37.33 9.57 -8.62
N LEU C 167 -37.64 9.41 -7.34
CA LEU C 167 -37.98 8.10 -6.79
C LEU C 167 -39.24 7.51 -7.43
N SER C 168 -40.23 8.36 -7.68
CA SER C 168 -41.43 7.95 -8.39
C SER C 168 -41.08 7.47 -9.80
N MET C 169 -40.13 8.17 -10.42
CA MET C 169 -39.73 7.83 -11.78
C MET C 169 -38.96 6.50 -11.83
N VAL C 170 -38.10 6.26 -10.86
CA VAL C 170 -37.30 5.04 -10.85
C VAL C 170 -38.09 3.85 -10.31
N GLY C 171 -39.23 4.14 -9.67
CA GLY C 171 -40.10 3.10 -9.18
C GLY C 171 -40.54 2.17 -10.29
N ASP C 172 -41.01 2.75 -11.39
CA ASP C 172 -41.48 1.99 -12.54
C ASP C 172 -40.39 1.10 -13.12
N TRP C 173 -39.17 1.60 -13.15
CA TRP C 173 -38.04 0.82 -13.66
C TRP C 173 -37.67 -0.31 -12.71
N LEU C 174 -37.79 -0.04 -11.42
CA LEU C 174 -37.50 -1.05 -10.40
C LEU C 174 -38.58 -2.13 -10.37
N GLU C 175 -39.77 -1.80 -10.87
CA GLU C 175 -40.85 -2.76 -10.97
C GLU C 175 -40.53 -3.88 -11.96
N LYS C 176 -39.62 -3.61 -12.89
CA LYS C 176 -39.21 -4.59 -13.88
C LYS C 176 -38.12 -5.50 -13.34
N ARG C 177 -37.78 -5.29 -12.07
CA ARG C 177 -37.00 -6.24 -11.27
C ARG C 177 -35.56 -6.51 -11.71
N PRO C 178 -34.68 -5.49 -11.65
CA PRO C 178 -33.27 -5.83 -11.42
C PRO C 178 -33.12 -6.10 -9.92
N GLY C 179 -32.07 -6.77 -9.46
CA GLY C 179 -30.91 -7.15 -10.24
C GLY C 179 -29.73 -6.51 -9.54
N ALA C 180 -29.35 -5.34 -10.02
CA ALA C 180 -28.40 -4.49 -9.34
C ALA C 180 -28.73 -3.06 -9.69
N PHE C 181 -28.68 -2.15 -8.71
CA PHE C 181 -29.00 -0.76 -9.00
C PHE C 181 -28.19 0.22 -8.20
N CYS C 182 -28.10 1.44 -8.73
CA CYS C 182 -27.48 2.56 -8.04
C CYS C 182 -28.24 3.83 -8.38
N ILE C 183 -28.95 4.38 -7.39
CA ILE C 183 -29.82 5.51 -7.62
C ILE C 183 -29.42 6.71 -6.75
N LYS C 184 -29.27 7.87 -7.36
CA LYS C 184 -28.89 9.08 -6.63
C LYS C 184 -30.07 9.63 -5.84
N VAL C 185 -29.87 9.79 -4.54
CA VAL C 185 -30.84 10.42 -3.67
C VAL C 185 -30.28 11.77 -3.24
N LEU C 186 -30.80 12.83 -3.85
CA LEU C 186 -30.33 14.18 -3.63
C LEU C 186 -30.63 14.67 -2.22
N CYS C 187 -31.87 14.47 -1.78
CA CYS C 187 -32.30 14.91 -0.47
C CYS C 187 -32.91 13.76 0.33
N PRO C 188 -32.10 13.13 1.19
CA PRO C 188 -32.59 12.05 2.05
C PRO C 188 -32.72 12.45 3.51
N TYR C 189 -32.67 13.75 3.81
CA TYR C 189 -32.51 14.18 5.20
C TYR C 189 -33.75 14.80 5.84
N THR C 190 -34.92 14.66 5.20
CA THR C 190 -36.15 15.08 5.82
C THR C 190 -36.95 13.87 6.27
N SER C 191 -37.90 14.08 7.18
CA SER C 191 -38.67 12.99 7.76
C SER C 191 -39.41 12.18 6.70
N THR C 192 -40.20 12.86 5.88
CA THR C 192 -40.98 12.22 4.83
C THR C 192 -40.08 11.43 3.88
N MET C 193 -38.95 12.02 3.53
CA MET C 193 -37.97 11.36 2.67
C MET C 193 -37.43 10.08 3.30
N MET C 194 -37.02 10.17 4.56
CA MET C 194 -36.47 9.02 5.26
C MET C 194 -37.49 7.89 5.31
N GLU C 195 -38.72 8.21 5.70
CA GLU C 195 -39.77 7.19 5.78
C GLU C 195 -40.12 6.56 4.41
N THR C 196 -40.25 7.38 3.37
CA THR C 196 -40.51 6.83 2.04
C THR C 196 -39.33 5.97 1.59
N LEU C 197 -38.14 6.30 2.08
CA LEU C 197 -36.95 5.53 1.74
C LEU C 197 -36.93 4.18 2.45
N GLU C 198 -37.40 4.13 3.70
CA GLU C 198 -37.53 2.85 4.38
C GLU C 198 -38.60 2.01 3.71
N ARG C 199 -39.65 2.68 3.22
CA ARG C 199 -40.69 2.02 2.45
C ARG C 199 -40.09 1.36 1.19
N LEU C 200 -39.35 2.16 0.43
CA LEU C 200 -38.75 1.70 -0.82
C LEU C 200 -37.67 0.65 -0.61
N GLN C 201 -37.03 0.66 0.56
CA GLN C 201 -36.02 -0.34 0.86
C GLN C 201 -36.67 -1.63 1.33
N ARG C 202 -37.79 -1.51 2.03
CA ARG C 202 -38.56 -2.70 2.39
C ARG C 202 -39.12 -3.36 1.14
N ARG C 203 -39.48 -2.54 0.15
CA ARG C 203 -40.09 -3.05 -1.07
C ARG C 203 -39.07 -3.62 -2.07
N TYR C 204 -37.93 -2.96 -2.20
CA TYR C 204 -36.96 -3.33 -3.23
C TYR C 204 -35.59 -3.75 -2.68
N GLY C 205 -35.36 -3.51 -1.39
CA GLY C 205 -34.09 -3.87 -0.78
C GLY C 205 -33.08 -2.75 -0.90
N GLY C 206 -31.80 -3.10 -0.76
CA GLY C 206 -30.73 -2.14 -0.89
C GLY C 206 -30.58 -1.24 0.32
N GLY C 207 -29.71 -0.24 0.21
CA GLY C 207 -29.45 0.68 1.30
C GLY C 207 -28.79 1.96 0.84
N LEU C 208 -28.71 2.94 1.73
CA LEU C 208 -28.12 4.23 1.39
C LEU C 208 -26.63 4.26 1.75
N VAL C 209 -25.84 4.87 0.88
CA VAL C 209 -24.39 4.95 1.07
C VAL C 209 -23.86 6.34 0.72
N ARG C 210 -23.13 6.95 1.65
CA ARG C 210 -22.48 8.23 1.37
C ARG C 210 -21.12 8.01 0.72
N VAL C 211 -20.94 8.57 -0.47
CA VAL C 211 -19.65 8.46 -1.17
C VAL C 211 -18.79 9.68 -0.85
N PRO C 212 -17.59 9.44 -0.30
CA PRO C 212 -16.67 10.49 0.16
C PRO C 212 -16.27 11.48 -0.96
N LEU C 213 -16.41 11.06 -2.21
CA LEU C 213 -16.08 11.92 -3.34
C LEU C 213 -17.06 13.09 -3.45
N SER C 214 -18.23 12.95 -2.82
CA SER C 214 -19.23 14.01 -2.81
C SER C 214 -18.76 15.23 -2.04
N ARG C 215 -19.25 16.40 -2.43
CA ARG C 215 -18.90 17.64 -1.74
C ARG C 215 -19.72 17.79 -0.47
N ASN C 216 -19.19 18.55 0.48
CA ASN C 216 -19.90 18.84 1.73
C ASN C 216 -21.11 19.74 1.48
N SER C 217 -21.16 20.33 0.29
CA SER C 217 -22.23 21.25 -0.07
C SER C 217 -23.51 20.52 -0.50
N THR C 218 -23.46 19.20 -0.50
CA THR C 218 -24.64 18.39 -0.84
C THR C 218 -24.78 17.20 0.09
N HIS C 219 -26.02 16.85 0.42
CA HIS C 219 -26.30 15.76 1.33
C HIS C 219 -26.63 14.49 0.57
N GLU C 220 -26.26 14.47 -0.72
CA GLU C 220 -26.57 13.34 -1.60
C GLU C 220 -26.05 12.02 -1.05
N MET C 221 -26.88 10.99 -1.15
CA MET C 221 -26.47 9.63 -0.80
C MET C 221 -26.99 8.70 -1.88
N TYR C 222 -26.37 7.53 -2.03
CA TYR C 222 -26.74 6.64 -3.12
C TYR C 222 -27.41 5.35 -2.65
N TRP C 223 -28.61 5.11 -3.16
CA TRP C 223 -29.37 3.89 -2.89
C TRP C 223 -28.85 2.77 -3.77
N VAL C 224 -28.09 1.85 -3.18
CA VAL C 224 -27.48 0.75 -3.93
C VAL C 224 -27.97 -0.60 -3.46
N SER C 225 -28.00 -1.56 -4.38
CA SER C 225 -28.60 -2.88 -4.13
C SER C 225 -27.77 -3.77 -3.21
N GLY C 226 -26.45 -3.58 -3.21
CA GLY C 226 -25.57 -4.43 -2.43
C GLY C 226 -25.32 -3.93 -1.02
N ALA C 227 -26.17 -3.01 -0.56
CA ALA C 227 -26.04 -2.44 0.78
C ALA C 227 -27.22 -2.83 1.67
N LYS C 228 -26.94 -2.98 2.96
CA LYS C 228 -27.99 -3.31 3.94
C LYS C 228 -27.73 -2.56 5.24
N SER C 229 -28.44 -1.47 5.43
CA SER C 229 -28.22 -0.63 6.60
C SER C 229 -29.51 0.05 6.97
N ASN C 230 -29.63 0.54 8.19
CA ASN C 230 -30.83 1.31 8.40
C ASN C 230 -30.67 2.78 8.04
N THR C 231 -31.72 3.23 7.36
CA THR C 231 -31.72 4.47 6.61
C THR C 231 -31.51 5.67 7.51
N ILE C 232 -32.28 5.69 8.59
CA ILE C 232 -32.23 6.76 9.56
C ILE C 232 -30.82 6.98 10.09
N LYS C 233 -30.14 5.89 10.47
CA LYS C 233 -28.84 6.02 11.10
C LYS C 233 -27.72 6.31 10.11
N SER C 234 -27.84 5.79 8.89
CA SER C 234 -26.84 6.08 7.85
C SER C 234 -26.94 7.54 7.44
N VAL C 235 -28.17 7.99 7.18
CA VAL C 235 -28.42 9.38 6.84
C VAL C 235 -27.94 10.31 7.95
N SER C 236 -28.31 9.99 9.19
CA SER C 236 -27.94 10.83 10.32
C SER C 236 -26.43 10.85 10.55
N THR C 237 -25.77 9.73 10.28
CA THR C 237 -24.32 9.67 10.38
C THR C 237 -23.67 10.59 9.37
N THR C 238 -24.15 10.52 8.13
CA THR C 238 -23.69 11.43 7.09
C THR C 238 -23.91 12.89 7.52
N SER C 239 -25.09 13.15 8.07
CA SER C 239 -25.45 14.47 8.57
C SER C 239 -24.46 14.95 9.63
N GLN C 240 -24.04 14.06 10.52
CA GLN C 240 -23.10 14.44 11.58
C GLN C 240 -21.69 14.67 11.03
N LEU C 241 -21.32 13.91 10.01
CA LEU C 241 -20.06 14.16 9.31
C LEU C 241 -20.06 15.60 8.77
N LEU C 242 -21.09 15.90 7.98
CA LEU C 242 -21.21 17.21 7.34
C LEU C 242 -21.29 18.35 8.36
N LEU C 243 -22.04 18.13 9.45
CA LEU C 243 -22.16 19.12 10.51
C LEU C 243 -20.82 19.38 11.17
N GLY C 244 -20.10 18.30 11.46
CA GLY C 244 -18.80 18.38 12.10
C GLY C 244 -17.79 19.12 11.25
N ARG C 245 -17.88 18.95 9.93
CA ARG C 245 -16.93 19.62 9.05
C ARG C 245 -17.18 21.13 8.92
N MET C 246 -18.17 21.66 9.63
CA MET C 246 -18.48 23.08 9.56
C MET C 246 -17.89 23.89 10.71
N ASP C 247 -17.25 23.21 11.65
CA ASP C 247 -16.83 23.86 12.89
C ASP C 247 -15.33 24.14 12.98
N GLY C 248 -14.51 23.10 12.82
CA GLY C 248 -13.07 23.24 12.98
C GLY C 248 -12.40 24.01 11.86
N PRO C 249 -11.07 23.82 11.71
CA PRO C 249 -10.37 24.42 10.57
C PRO C 249 -10.66 23.64 9.31
N ARG C 250 -10.14 24.10 8.17
CA ARG C 250 -10.37 23.38 6.93
C ARG C 250 -9.50 22.13 6.87
N ARG C 251 -10.15 20.98 6.71
CA ARG C 251 -9.45 19.72 6.56
C ARG C 251 -8.88 19.63 5.15
N PRO C 252 -7.67 19.08 5.01
CA PRO C 252 -7.04 18.97 3.68
C PRO C 252 -7.74 17.95 2.78
N VAL C 253 -7.65 18.17 1.47
CA VAL C 253 -8.29 17.30 0.49
C VAL C 253 -7.44 16.07 0.16
N LYS C 254 -8.02 14.89 0.37
CA LYS C 254 -7.35 13.65 0.02
C LYS C 254 -7.41 13.41 -1.49
N TYR C 255 -6.37 13.85 -2.20
CA TYR C 255 -6.34 13.69 -3.65
C TYR C 255 -6.02 12.24 -4.03
N GLU C 256 -6.63 11.79 -5.12
CA GLU C 256 -6.44 10.42 -5.59
C GLU C 256 -6.37 10.41 -7.11
N GLU C 257 -5.74 9.39 -7.67
CA GLU C 257 -5.55 9.35 -9.12
C GLU C 257 -6.78 8.81 -9.83
N ASP C 258 -7.17 9.52 -10.89
CA ASP C 258 -8.38 9.21 -11.64
C ASP C 258 -8.37 7.79 -12.16
N VAL C 259 -9.56 7.21 -12.32
CA VAL C 259 -9.69 5.87 -12.88
C VAL C 259 -9.28 5.85 -14.35
N ASN C 260 -8.50 4.86 -14.72
CA ASN C 260 -8.10 4.67 -16.11
C ASN C 260 -8.91 3.54 -16.74
N LEU C 261 -9.76 3.88 -17.70
CA LEU C 261 -10.68 2.92 -18.28
C LEU C 261 -10.05 2.08 -19.39
N GLY C 262 -8.85 2.45 -19.80
CA GLY C 262 -8.15 1.72 -20.85
C GLY C 262 -8.72 2.00 -22.23
N SER C 263 -8.43 1.12 -23.18
CA SER C 263 -8.91 1.30 -24.55
C SER C 263 -9.22 -0.04 -25.20
N GLY C 264 -9.81 0.01 -26.39
CA GLY C 264 -10.10 -1.20 -27.14
C GLY C 264 -11.57 -1.56 -27.12
N THR C 265 -11.90 -2.67 -27.78
CA THR C 265 -13.29 -3.12 -27.88
C THR C 265 -13.50 -4.44 -27.14
N ARG C 266 -14.75 -4.84 -27.04
CA ARG C 266 -15.09 -6.13 -26.44
C ARG C 266 -15.83 -7.01 -27.46
N SAM D . 2.11 1.81 23.62
CA SAM D . 1.02 0.87 23.78
C SAM D . 0.55 0.91 25.22
O SAM D . 1.34 1.35 26.08
OXT SAM D . -0.61 0.50 25.48
CB SAM D . 1.50 -0.53 23.44
CG SAM D . 2.06 -0.57 22.02
SD SAM D . 1.18 -1.61 21.06
CE SAM D . 1.55 -3.18 21.48
C5' SAM D . 1.58 -1.34 19.47
C4' SAM D . 0.29 -1.00 18.72
O4' SAM D . 0.55 -0.45 17.43
C3' SAM D . -0.61 -2.20 18.50
O3' SAM D . -1.75 -2.09 19.36
C2' SAM D . -1.03 -2.14 17.06
O2' SAM D . -2.45 -2.26 16.94
C1' SAM D . -0.57 -0.77 16.60
N9 SAM D . -0.21 -0.74 15.16
C8 SAM D . 0.48 -1.67 14.47
N7 SAM D . 0.60 -1.31 13.16
C5 SAM D . -0.03 -0.13 13.00
C6 SAM D . -0.28 0.81 11.89
N6 SAM D . 0.18 0.55 10.64
N1 SAM D . -0.98 1.93 12.15
C2 SAM D . -1.45 2.21 13.39
N3 SAM D . -1.25 1.40 14.44
C4 SAM D . -0.57 0.24 14.32
N2 GTA E . 11.52 -22.11 20.25
O6 GTA E . 7.08 -22.00 21.38
C6 GTA E . 8.10 -21.40 20.99
C5 GTA E . 8.09 -19.94 20.71
N7 GTA E . 7.13 -19.02 20.79
C7 GTA E . 5.71 -19.21 21.20
C8 GTA E . 7.70 -17.87 20.41
N9 GTA E . 9.01 -18.00 20.11
C4 GTA E . 9.33 -19.29 20.27
N3 GTA E . 10.44 -20.06 20.13
C2 GTA E . 10.39 -21.40 20.40
N1 GTA E . 9.26 -22.03 20.82
O3A GTA E . 9.48 -14.39 17.14
C1A GTA E . 9.90 -16.91 19.66
C2A GTA E . 9.55 -16.57 18.22
C3A GTA E . 9.01 -15.15 18.27
C4A GTA E . 9.57 -14.60 19.57
C5A GTA E . 8.72 -13.46 20.16
O4A GTA E . 9.68 -15.74 20.44
O2A GTA E . 10.73 -16.62 17.42
P1 GTA E . 6.57 -12.85 21.50
O11 GTA E . 7.47 -11.81 22.13
O12 GTA E . 5.51 -12.42 20.51
O13 GTA E . 5.81 -13.64 22.69
O15 GTA E . 7.54 -13.93 20.80
P2 GTA E . 5.42 -15.20 22.63
O22 GTA E . 5.84 -15.82 21.31
O21 GTA E . 5.90 -15.83 23.92
O23 GTA E . 3.81 -15.16 22.70
P3 GTA E . 2.93 -14.52 21.52
O32 GTA E . 2.97 -13.02 21.67
O31 GTA E . 1.60 -15.24 21.51
O33 GTA E . 3.74 -14.91 20.20
C5B GTA E . 3.21 -15.79 19.21
C4B GTA E . 4.24 -15.92 18.09
O4B GTA E . 5.27 -16.85 18.46
C3B GTA E . 3.66 -16.45 16.79
O3B GTA E . 3.28 -15.36 15.95
C2B GTA E . 4.77 -17.25 16.17
O2B GTA E . 5.38 -16.49 15.13
C1B GTA E . 5.79 -17.49 17.28
N9C GTA E . 5.94 -18.94 17.49
C8C GTA E . 4.97 -19.78 17.91
N7C GTA E . 5.42 -21.06 17.99
C5C GTA E . 6.71 -21.05 17.62
C6C GTA E . 7.79 -22.07 17.49
N6C GTA E . 7.56 -23.37 17.78
N1C GTA E . 9.01 -21.65 17.07
C2C GTA E . 9.24 -20.35 16.78
N3C GTA E . 8.33 -19.38 16.89
C4C GTA E . 7.06 -19.65 17.29
N SAM F . 20.36 -14.12 -14.95
CA SAM F . 20.22 -15.52 -14.59
C SAM F . 20.08 -16.35 -15.83
O SAM F . 19.75 -15.77 -16.89
OXT SAM F . 20.29 -17.58 -15.76
CB SAM F . 18.99 -15.70 -13.69
CG SAM F . 19.14 -14.87 -12.41
SD SAM F . 18.54 -15.71 -11.11
CE SAM F . 16.89 -15.73 -11.17
C5' SAM F . 19.04 -14.96 -9.72
C4' SAM F . 20.25 -15.72 -9.15
O4' SAM F . 20.99 -14.90 -8.26
C3' SAM F . 19.87 -16.98 -8.39
O3' SAM F . 20.30 -18.13 -9.13
C2' SAM F . 20.62 -16.90 -7.08
O2' SAM F . 21.36 -18.11 -6.85
C1' SAM F . 21.58 -15.73 -7.27
N9 SAM F . 21.82 -15.00 -6.00
C8 SAM F . 20.91 -14.70 -5.05
N7 SAM F . 21.48 -14.02 -4.01
C5 SAM F . 22.78 -13.87 -4.32
C6 SAM F . 23.96 -13.25 -3.66
N6 SAM F . 23.85 -12.64 -2.46
N1 SAM F . 25.14 -13.32 -4.30
C2 SAM F . 25.27 -13.93 -5.49
N3 SAM F . 24.25 -14.51 -6.14
C4 SAM F . 23.00 -14.52 -5.61
N2 GTA G . -2.54 -16.75 -3.95
O6 GTA G . -0.27 -20.70 -4.45
C6 GTA G . -0.25 -19.46 -4.45
C5 GTA G . 0.98 -18.68 -4.72
N7 GTA G . 2.23 -19.06 -4.99
C7 GTA G . 2.74 -20.44 -5.10
C8 GTA G . 2.93 -17.91 -5.14
N9 GTA G . 2.16 -16.82 -4.97
C4 GTA G . 0.92 -17.22 -4.70
N3 GTA G . -0.27 -16.63 -4.44
C2 GTA G . -1.37 -17.40 -4.20
N1 GTA G . -1.37 -18.75 -4.21
O3A GTA G . 5.39 -13.69 -3.57
C1A GTA G . 2.61 -15.40 -5.07
C2A GTA G . 3.35 -14.98 -3.81
C3A GTA G . 4.78 -14.81 -4.23
C4A GTA G . 4.69 -14.57 -5.72
C5A GTA G . 5.92 -15.07 -6.46
O4A GTA G . 3.51 -15.26 -6.16
O2A GTA G . 2.85 -13.72 -3.37
P1 GTA G . 6.76 -17.00 -7.98
O11 GTA G . 7.32 -15.98 -8.93
O12 GTA G . 7.68 -17.66 -6.97
O13 GTA G . 5.98 -18.12 -8.84
O15 GTA G . 5.60 -16.28 -7.15
P2 GTA G . 5.72 -19.58 -8.19
O22 GTA G . 5.06 -19.32 -6.87
O21 GTA G . 5.02 -20.44 -9.21
O23 GTA G . 7.24 -20.11 -8.03
P3 GTA G . 7.87 -20.76 -6.69
O32 GTA G . 9.31 -20.33 -6.62
O31 GTA G . 7.51 -22.24 -6.65
O33 GTA G . 7.09 -20.02 -5.49
C5B GTA G . 7.49 -20.11 -4.12
C4B GTA G . 6.87 -18.90 -3.40
O4B GTA G . 5.44 -18.98 -3.42
C3B GTA G . 7.29 -18.79 -1.95
O3B GTA G . 8.04 -17.58 -1.76
C2B GTA G . 6.00 -18.71 -1.16
O2B GTA G . 6.05 -17.65 -0.21
C1B GTA G . 4.93 -18.43 -2.21
N9C GTA G . 3.62 -19.00 -1.84
C8C GTA G . 3.27 -20.31 -1.81
N7C GTA G . 1.98 -20.47 -1.43
C5C GTA G . 1.47 -19.24 -1.21
C6C GTA G . 0.17 -18.68 -0.77
N6C GTA G . -0.89 -19.49 -0.50
N1C GTA G . 0.07 -17.33 -0.66
C2C GTA G . 1.11 -16.52 -0.91
N3C GTA G . 2.31 -16.96 -1.31
C4C GTA G . 2.56 -18.28 -1.47
N SAM H . -23.38 10.28 -14.12
CA SAM H . -22.92 11.40 -14.95
C SAM H . -21.48 11.19 -15.32
O SAM H . -20.78 10.47 -14.57
OXT SAM H . -21.04 11.73 -16.36
CB SAM H . -23.09 12.70 -14.17
CG SAM H . -24.52 12.87 -13.68
SD SAM H . -25.16 14.30 -14.20
CE SAM H . -24.63 15.53 -13.22
C5' SAM H . -26.82 14.21 -14.15
C4' SAM H . -27.36 14.46 -15.55
O4' SAM H . -28.76 14.14 -15.63
C3' SAM H . -27.22 15.90 -16.00
O3' SAM H . -26.16 16.00 -16.96
C2' SAM H . -28.55 16.25 -16.65
O2' SAM H . -28.34 16.73 -17.98
C1' SAM H . -29.32 14.94 -16.67
N9 SAM H . -30.78 15.16 -16.50
C8 SAM H . -31.36 16.02 -15.64
N7 SAM H . -32.72 15.97 -15.75
C5 SAM H . -33.02 15.07 -16.71
C6 SAM H . -34.26 14.53 -17.33
N6 SAM H . -35.48 14.96 -16.93
N1 SAM H . -34.12 13.60 -18.30
C2 SAM H . -32.91 13.16 -18.70
N3 SAM H . -31.75 13.60 -18.17
C4 SAM H . -31.74 14.55 -17.20
N2 GTA I . -24.06 30.06 2.24
O6 GTA I . -22.50 31.12 -1.94
C6 GTA I . -23.10 30.32 -1.20
C5 GTA I . -23.66 29.03 -1.70
N7 GTA I . -23.66 28.48 -2.91
C7 GTA I . -23.07 29.01 -4.16
C8 GTA I . -24.31 27.31 -2.78
N9 GTA I . -24.73 27.09 -1.51
C4 GTA I . -24.36 28.15 -0.77
N3 GTA I . -24.46 28.53 0.51
C2 GTA I . -23.93 29.72 0.94
N1 GTA I . -23.28 30.57 0.10
O3A GTA I . -28.42 24.15 -1.96
C1A GTA I . -25.47 25.90 -1.03
C2A GTA I . -26.93 26.01 -1.48
C3A GTA I . -27.18 24.77 -2.32
C4A GTA I . -26.02 23.85 -2.00
C5A GTA I . -25.66 22.98 -3.20
O4A GTA I . -24.95 24.70 -1.61
O2A GTA I . -27.79 26.00 -0.34
P1 GTA I . -23.85 22.70 -5.09
O11 GTA I . -23.74 21.20 -4.90
O12 GTA I . -24.71 23.24 -6.21
O13 GTA I . -22.37 23.31 -5.21
O15 GTA I . -24.37 23.35 -3.71
P2 GTA I . -22.22 24.82 -5.74
O22 GTA I . -23.24 25.66 -5.02
O21 GTA I . -20.76 25.19 -5.68
O23 GTA I . -22.65 24.60 -7.28
P3 GTA I . -23.56 25.63 -8.13
O32 GTA I . -24.16 24.84 -9.27
O31 GTA I . -22.75 26.88 -8.40
O33 GTA I . -24.78 26.03 -7.15
C5B GTA I . -25.71 27.03 -7.54
C4B GTA I . -26.88 27.07 -6.56
O4B GTA I . -26.45 27.60 -5.31
C3B GTA I . -28.03 27.94 -7.04
O3B GTA I . -29.16 27.14 -7.41
C2B GTA I . -28.38 28.85 -5.88
O2B GTA I . -29.75 28.66 -5.51
C1B GTA I . -27.47 28.43 -4.75
N9C GTA I . -26.86 29.62 -4.11
C8C GTA I . -26.14 30.56 -4.73
N7C GTA I . -25.73 31.52 -3.87
C5C GTA I . -26.20 31.20 -2.66
C6C GTA I . -26.13 31.79 -1.29
N6C GTA I . -25.47 32.94 -1.05
N1C GTA I . -26.77 31.13 -0.29
C2C GTA I . -27.44 29.98 -0.51
N3C GTA I . -27.54 29.39 -1.72
C4C GTA I . -26.95 29.95 -2.81
#